data_8DEB
#
_entry.id   8DEB
#
_cell.length_a   108.228
_cell.length_b   85.807
_cell.length_c   98.212
_cell.angle_alpha   90.000
_cell.angle_beta   90.000
_cell.angle_gamma   90.000
#
_symmetry.space_group_name_H-M   'P 21 21 21'
#
loop_
_entity.id
_entity.type
_entity.pdbx_description
1 polymer 'Carboxyspermidine dehydrogenase'
2 non-polymer 'NADP NICOTINAMIDE-ADENINE-DINUCLEOTIDE PHOSPHATE'
3 water water
#
_entity_poly.entity_id   1
_entity_poly.type   'polypeptide(L)'
_entity_poly.pdbx_seq_one_letter_code
;MGRVLIIGAGGVGTVVAHKVAQNADVFTDIMIASRTKSKCDDIVKAIGNPNIKTAQVDADNVDELVALFNDFKPEMVINV
ALPYQDLTIMEACLKAEVNYLDTANYEPKDEAHFEYSWQWAYHERFKEAGLTAILGCGFDPGVSGIYTAYAAKHYFDEIQ
YLDIVDCNAGNHHKAFATNFNPEINIREITQNGRYYENGQWVTTGPLEIHKDLTYPNIGPRDSYLLYHEELESLVKNFPT
IKRARFWMTFGQEYLTHLRVIQNIGMARIDEIDYNGQKIVPLQFLKAVLPNPQDLGENYEGETSIGCRIRGLKDGKERTY
YVYNNCSHEEAYKETGMQGVSYTTGVPAMIGAMMFFKGEWKRPGVNNVEEFNPDPFMEQLNKQGLPWHEVFDGNLEL
;
_entity_poly.pdbx_strand_id   A,B
#
loop_
_chem_comp.id
_chem_comp.type
_chem_comp.name
_chem_comp.formula
NAP non-polymer 'NADP NICOTINAMIDE-ADENINE-DINUCLEOTIDE PHOSPHATE' 'C21 H28 N7 O17 P3'
#
# COMPACT_ATOMS: atom_id res chain seq x y z
N MET A 1 -14.84 -3.26 -26.02
CA MET A 1 -15.63 -2.00 -26.07
C MET A 1 -14.88 -0.93 -26.88
N GLY A 2 -13.63 -0.65 -26.52
CA GLY A 2 -12.77 0.22 -27.30
C GLY A 2 -13.15 1.69 -27.30
N ARG A 3 -14.01 2.12 -26.39
CA ARG A 3 -14.48 3.49 -26.32
C ARG A 3 -13.66 4.26 -25.29
N VAL A 4 -13.15 5.42 -25.67
CA VAL A 4 -12.30 6.21 -24.79
C VAL A 4 -12.87 7.62 -24.67
N LEU A 5 -12.95 8.11 -23.43
CA LEU A 5 -13.43 9.46 -23.12
C LEU A 5 -12.27 10.28 -22.58
N ILE A 6 -12.05 11.45 -23.17
CA ILE A 6 -11.00 12.38 -22.75
C ILE A 6 -11.68 13.54 -22.03
N ILE A 7 -11.27 13.80 -20.79
CA ILE A 7 -11.76 14.92 -20.01
C ILE A 7 -10.65 15.97 -19.94
N GLY A 8 -10.96 17.18 -20.38
CA GLY A 8 -9.97 18.25 -20.45
C GLY A 8 -9.60 18.55 -21.89
N ALA A 9 -9.86 19.77 -22.33
CA ALA A 9 -9.63 20.17 -23.72
C ALA A 9 -8.56 21.25 -23.81
N GLY A 10 -7.53 21.13 -22.97
CA GLY A 10 -6.42 22.06 -22.96
C GLY A 10 -5.27 21.60 -23.84
N GLY A 11 -4.05 21.95 -23.43
CA GLY A 11 -2.89 21.58 -24.22
C GLY A 11 -2.67 20.08 -24.27
N VAL A 12 -2.74 19.42 -23.11
CA VAL A 12 -2.52 17.97 -23.08
C VAL A 12 -3.66 17.25 -23.77
N GLY A 13 -4.91 17.65 -23.47
CA GLY A 13 -6.05 16.98 -24.08
C GLY A 13 -6.03 17.07 -25.59
N THR A 14 -5.61 18.21 -26.14
CA THR A 14 -5.45 18.35 -27.58
C THR A 14 -4.52 17.27 -28.13
N VAL A 15 -3.37 17.06 -27.46
CA VAL A 15 -2.42 16.05 -27.93
C VAL A 15 -3.03 14.66 -27.79
N VAL A 16 -3.65 14.37 -26.64
CA VAL A 16 -4.22 13.05 -26.43
C VAL A 16 -5.26 12.73 -27.49
N ALA A 17 -6.08 13.71 -27.86
CA ALA A 17 -7.10 13.48 -28.88
C ALA A 17 -6.46 13.16 -30.22
N HIS A 18 -5.45 13.94 -30.62
CA HIS A 18 -4.72 13.64 -31.85
C HIS A 18 -4.17 12.22 -31.81
N LYS A 19 -3.56 11.82 -30.69
CA LYS A 19 -2.86 10.54 -30.65
C LYS A 19 -3.83 9.37 -30.63
N VAL A 20 -4.96 9.50 -29.93
CA VAL A 20 -5.94 8.41 -29.98
C VAL A 20 -6.55 8.33 -31.37
N ALA A 21 -6.82 9.47 -32.00
CA ALA A 21 -7.37 9.44 -33.36
C ALA A 21 -6.43 8.79 -34.35
N GLN A 22 -5.12 8.86 -34.09
CA GLN A 22 -4.12 8.21 -34.93
C GLN A 22 -4.09 6.70 -34.76
N ASN A 23 -4.75 6.18 -33.73
CA ASN A 23 -4.76 4.74 -33.46
C ASN A 23 -6.20 4.23 -33.42
N ALA A 24 -6.92 4.38 -34.54
CA ALA A 24 -8.33 4.02 -34.59
C ALA A 24 -8.56 2.53 -34.42
N ASP A 25 -7.57 1.69 -34.70
CA ASP A 25 -7.74 0.26 -34.50
C ASP A 25 -7.94 -0.08 -33.03
N VAL A 26 -7.31 0.69 -32.14
CA VAL A 26 -7.45 0.50 -30.70
C VAL A 26 -8.64 1.29 -30.16
N PHE A 27 -8.67 2.58 -30.45
CA PHE A 27 -9.71 3.49 -29.93
C PHE A 27 -10.77 3.66 -31.02
N THR A 28 -11.84 2.87 -30.92
CA THR A 28 -12.86 2.83 -31.96
C THR A 28 -13.91 3.94 -31.82
N ASP A 29 -14.13 4.43 -30.62
CA ASP A 29 -15.03 5.56 -30.39
C ASP A 29 -14.39 6.52 -29.41
N ILE A 30 -14.47 7.81 -29.72
CA ILE A 30 -13.77 8.85 -28.97
C ILE A 30 -14.75 9.96 -28.63
N MET A 31 -14.70 10.43 -27.38
CA MET A 31 -15.37 11.67 -27.00
C MET A 31 -14.40 12.56 -26.23
N ILE A 32 -14.56 13.86 -26.43
CA ILE A 32 -13.83 14.89 -25.68
C ILE A 32 -14.88 15.69 -24.91
N ALA A 33 -14.78 15.68 -23.58
CA ALA A 33 -15.67 16.45 -22.73
C ALA A 33 -14.84 17.38 -21.85
N SER A 34 -15.34 18.61 -21.67
CA SER A 34 -14.58 19.59 -20.90
C SER A 34 -15.50 20.72 -20.48
N ARG A 35 -14.99 21.54 -19.56
CA ARG A 35 -15.79 22.62 -18.99
C ARG A 35 -16.30 23.57 -20.07
N THR A 36 -15.47 23.87 -21.06
CA THR A 36 -15.83 24.78 -22.16
C THR A 36 -15.89 23.95 -23.43
N LYS A 37 -17.10 23.75 -23.95
CA LYS A 37 -17.29 22.80 -25.05
C LYS A 37 -16.66 23.29 -26.34
N SER A 38 -16.64 24.61 -26.58
CA SER A 38 -16.10 25.12 -27.83
C SER A 38 -14.67 24.67 -28.06
N LYS A 39 -13.89 24.48 -26.99
CA LYS A 39 -12.52 24.03 -27.15
C LYS A 39 -12.46 22.56 -27.53
N CYS A 40 -13.41 21.75 -27.02
CA CYS A 40 -13.55 20.39 -27.52
C CYS A 40 -13.79 20.40 -29.03
N ASP A 41 -14.72 21.25 -29.48
CA ASP A 41 -15.06 21.28 -30.90
C ASP A 41 -13.92 21.83 -31.74
N ASP A 42 -13.14 22.77 -31.20
CA ASP A 42 -11.92 23.21 -31.88
C ASP A 42 -10.99 22.04 -32.15
N ILE A 43 -10.83 21.15 -31.18
CA ILE A 43 -9.95 20.01 -31.37
C ILE A 43 -10.48 19.10 -32.47
N VAL A 44 -11.77 18.76 -32.42
CA VAL A 44 -12.34 17.87 -33.42
C VAL A 44 -12.20 18.47 -34.81
N LYS A 45 -12.38 19.78 -34.93
CA LYS A 45 -12.21 20.43 -36.23
C LYS A 45 -10.77 20.33 -36.71
N ALA A 46 -9.80 20.47 -35.80
CA ALA A 46 -8.40 20.39 -36.17
C ALA A 46 -8.03 18.99 -36.62
N ILE A 47 -8.55 17.96 -35.94
CA ILE A 47 -8.23 16.59 -36.31
C ILE A 47 -8.88 16.23 -37.64
N GLY A 48 -10.08 16.75 -37.90
CA GLY A 48 -10.77 16.46 -39.13
C GLY A 48 -11.55 15.16 -39.15
N ASN A 49 -11.93 14.66 -37.98
CA ASN A 49 -12.68 13.40 -37.85
C ASN A 49 -14.03 13.70 -37.23
N PRO A 50 -15.09 13.87 -38.04
CA PRO A 50 -16.40 14.21 -37.47
C PRO A 50 -16.95 13.18 -36.51
N ASN A 51 -16.42 11.96 -36.51
CA ASN A 51 -16.95 10.91 -35.64
C ASN A 51 -16.55 11.10 -34.18
N ILE A 52 -15.61 12.00 -33.87
CA ILE A 52 -15.26 12.28 -32.48
C ILE A 52 -16.37 13.12 -31.87
N LYS A 53 -16.97 12.63 -30.79
CA LYS A 53 -18.03 13.35 -30.11
C LYS A 53 -17.44 14.33 -29.09
N THR A 54 -18.22 15.37 -28.77
CA THR A 54 -17.84 16.35 -27.77
C THR A 54 -19.01 16.60 -26.83
N ALA A 55 -18.69 17.13 -25.66
CA ALA A 55 -19.70 17.43 -24.65
C ALA A 55 -19.14 18.43 -23.65
N GLN A 56 -20.04 19.17 -23.01
CA GLN A 56 -19.73 20.01 -21.87
C GLN A 56 -19.97 19.24 -20.59
N VAL A 57 -19.04 19.34 -19.65
CA VAL A 57 -19.20 18.69 -18.35
C VAL A 57 -18.38 19.45 -17.33
N ASP A 58 -18.91 19.52 -16.10
CA ASP A 58 -18.18 20.06 -14.96
C ASP A 58 -17.70 18.86 -14.15
N ALA A 59 -16.43 18.49 -14.34
CA ALA A 59 -15.83 17.34 -13.69
C ALA A 59 -15.63 17.53 -12.18
N ASP A 60 -16.06 18.64 -11.61
CA ASP A 60 -16.18 18.75 -10.16
C ASP A 60 -17.47 18.11 -9.65
N ASN A 61 -18.41 17.77 -10.53
CA ASN A 61 -19.73 17.30 -10.16
C ASN A 61 -19.84 15.81 -10.49
N VAL A 62 -19.81 14.98 -9.44
CA VAL A 62 -19.85 13.53 -9.64
C VAL A 62 -21.12 13.13 -10.37
N ASP A 63 -22.25 13.75 -10.04
CA ASP A 63 -23.50 13.40 -10.70
C ASP A 63 -23.43 13.64 -12.20
N GLU A 64 -22.88 14.80 -12.61
CA GLU A 64 -22.76 15.09 -14.03
C GLU A 64 -21.86 14.08 -14.74
N LEU A 65 -20.76 13.70 -14.10
CA LEU A 65 -19.84 12.76 -14.73
C LEU A 65 -20.47 11.39 -14.89
N VAL A 66 -21.18 10.92 -13.86
CA VAL A 66 -21.82 9.61 -13.93
C VAL A 66 -22.84 9.57 -15.06
N ALA A 67 -23.62 10.65 -15.21
CA ALA A 67 -24.58 10.72 -16.30
C ALA A 67 -23.86 10.66 -17.64
N LEU A 68 -22.74 11.37 -17.77
CA LEU A 68 -21.97 11.33 -19.00
C LEU A 68 -21.39 9.95 -19.25
N PHE A 69 -20.88 9.30 -18.20
CA PHE A 69 -20.27 7.98 -18.36
C PHE A 69 -21.31 6.93 -18.76
N ASN A 70 -22.51 7.00 -18.19
CA ASN A 70 -23.54 6.04 -18.53
C ASN A 70 -24.13 6.30 -19.90
N ASP A 71 -23.99 7.51 -20.44
CA ASP A 71 -24.45 7.81 -21.78
C ASP A 71 -23.43 7.36 -22.82
N PHE A 72 -22.19 7.84 -22.70
CA PHE A 72 -21.17 7.48 -23.68
C PHE A 72 -20.64 6.07 -23.50
N LYS A 73 -20.64 5.56 -22.26
CA LYS A 73 -20.18 4.22 -21.95
C LYS A 73 -18.71 4.05 -22.32
N PRO A 74 -17.82 4.89 -21.80
CA PRO A 74 -16.39 4.70 -22.08
C PRO A 74 -15.85 3.47 -21.38
N GLU A 75 -14.84 2.86 -21.99
CA GLU A 75 -14.11 1.80 -21.29
C GLU A 75 -13.05 2.39 -20.37
N MET A 76 -12.44 3.52 -20.76
CA MET A 76 -11.51 4.23 -19.89
C MET A 76 -11.70 5.72 -20.07
N VAL A 77 -11.57 6.45 -18.98
CA VAL A 77 -11.60 7.91 -18.97
C VAL A 77 -10.17 8.39 -18.76
N ILE A 78 -9.68 9.21 -19.69
CA ILE A 78 -8.37 9.85 -19.58
C ILE A 78 -8.60 11.24 -19.00
N ASN A 79 -8.28 11.42 -17.72
CA ASN A 79 -8.43 12.71 -17.05
C ASN A 79 -7.20 13.57 -17.33
N VAL A 80 -7.35 14.53 -18.23
CA VAL A 80 -6.31 15.55 -18.41
C VAL A 80 -6.96 16.91 -18.19
N ALA A 81 -7.84 16.98 -17.19
CA ALA A 81 -8.23 18.25 -16.59
C ALA A 81 -7.19 18.58 -15.52
N LEU A 82 -7.59 19.29 -14.47
CA LEU A 82 -6.63 19.69 -13.46
C LEU A 82 -6.55 18.68 -12.34
N PRO A 83 -5.47 18.70 -11.54
CA PRO A 83 -5.40 17.81 -10.37
C PRO A 83 -6.63 17.91 -9.48
N TYR A 84 -7.25 19.09 -9.45
CA TYR A 84 -8.41 19.31 -8.58
C TYR A 84 -9.54 18.35 -8.87
N GLN A 85 -9.65 17.86 -10.11
CA GLN A 85 -10.75 17.00 -10.51
C GLN A 85 -10.45 15.51 -10.31
N ASP A 86 -9.25 15.17 -9.84
CA ASP A 86 -8.84 13.78 -9.76
C ASP A 86 -9.85 12.92 -9.00
N LEU A 87 -10.27 13.38 -7.82
CA LEU A 87 -11.06 12.52 -6.95
C LEU A 87 -12.51 12.42 -7.39
N THR A 88 -13.12 13.53 -7.82
CA THR A 88 -14.49 13.47 -8.30
C THR A 88 -14.59 12.58 -9.54
N ILE A 89 -13.60 12.65 -10.43
CA ILE A 89 -13.63 11.78 -11.60
C ILE A 89 -13.46 10.32 -11.18
N MET A 90 -12.56 10.04 -10.23
CA MET A 90 -12.39 8.67 -9.76
C MET A 90 -13.65 8.16 -9.09
N GLU A 91 -14.29 9.00 -8.27
CA GLU A 91 -15.57 8.64 -7.67
C GLU A 91 -16.59 8.24 -8.74
N ALA A 92 -16.70 9.07 -9.78
CA ALA A 92 -17.65 8.78 -10.85
C ALA A 92 -17.27 7.51 -11.60
N CYS A 93 -15.97 7.31 -11.84
CA CYS A 93 -15.53 6.08 -12.50
C CYS A 93 -15.94 4.85 -11.70
N LEU A 94 -15.78 4.90 -10.38
CA LEU A 94 -16.18 3.79 -9.53
C LEU A 94 -17.68 3.56 -9.60
N LYS A 95 -18.47 4.63 -9.58
CA LYS A 95 -19.92 4.48 -9.59
C LYS A 95 -20.43 3.97 -10.93
N ALA A 96 -19.83 4.42 -12.03
CA ALA A 96 -20.25 4.00 -13.36
C ALA A 96 -19.45 2.83 -13.90
N GLU A 97 -18.54 2.27 -13.10
CA GLU A 97 -17.77 1.09 -13.47
C GLU A 97 -16.99 1.33 -14.76
N VAL A 98 -16.13 2.35 -14.70
CA VAL A 98 -15.31 2.79 -15.82
C VAL A 98 -13.88 2.90 -15.31
N ASN A 99 -12.91 2.59 -16.18
CA ASN A 99 -11.51 2.62 -15.79
C ASN A 99 -10.94 4.04 -15.92
N TYR A 100 -9.79 4.27 -15.28
CA TYR A 100 -9.32 5.63 -15.03
C TYR A 100 -7.83 5.78 -15.30
N LEU A 101 -7.44 6.93 -15.86
CA LEU A 101 -6.04 7.30 -16.04
C LEU A 101 -5.91 8.81 -15.91
N ASP A 102 -4.84 9.26 -15.24
CA ASP A 102 -4.52 10.69 -15.19
C ASP A 102 -3.01 10.85 -15.32
N THR A 103 -2.57 12.11 -15.33
CA THR A 103 -1.16 12.45 -15.47
C THR A 103 -0.65 13.30 -14.31
N ALA A 104 -1.43 13.47 -13.26
CA ALA A 104 -1.03 14.30 -12.13
C ALA A 104 -1.91 13.96 -10.93
N ASN A 105 -1.30 13.85 -9.75
CA ASN A 105 -2.06 13.44 -8.57
C ASN A 105 -2.66 14.66 -7.88
N TYR A 106 -3.45 14.40 -6.84
CA TYR A 106 -4.37 15.38 -6.30
C TYR A 106 -3.68 16.38 -5.39
N GLU A 107 -4.12 17.63 -5.49
CA GLU A 107 -3.83 18.68 -4.52
C GLU A 107 -5.14 19.44 -4.32
N PRO A 108 -5.47 19.84 -3.10
CA PRO A 108 -6.68 20.64 -2.89
C PRO A 108 -6.52 22.03 -3.48
N LYS A 109 -7.66 22.64 -3.82
CA LYS A 109 -7.62 24.00 -4.33
C LYS A 109 -6.97 24.96 -3.35
N ASP A 110 -7.12 24.71 -2.05
CA ASP A 110 -6.72 25.66 -1.02
C ASP A 110 -5.33 25.39 -0.43
N GLU A 111 -4.62 24.39 -0.92
CA GLU A 111 -3.29 24.08 -0.40
C GLU A 111 -2.44 23.47 -1.52
N ALA A 112 -1.28 24.08 -1.78
CA ALA A 112 -0.37 23.58 -2.81
C ALA A 112 0.50 22.46 -2.24
N HIS A 113 -0.16 21.35 -1.93
CA HIS A 113 0.52 20.12 -1.52
C HIS A 113 -0.15 18.95 -2.21
N PHE A 114 0.62 18.19 -2.98
CA PHE A 114 0.12 17.01 -3.66
C PHE A 114 0.81 15.76 -3.13
N GLU A 115 0.05 14.67 -3.08
CA GLU A 115 0.54 13.38 -2.61
C GLU A 115 -0.43 12.31 -3.07
N TYR A 116 0.00 11.05 -2.98
CA TYR A 116 -0.78 9.95 -3.54
C TYR A 116 -1.81 9.37 -2.58
N SER A 117 -1.76 9.72 -1.29
CA SER A 117 -2.68 9.10 -0.34
C SER A 117 -4.12 9.21 -0.81
N TRP A 118 -4.49 10.38 -1.35
CA TRP A 118 -5.87 10.60 -1.76
C TRP A 118 -6.36 9.53 -2.72
N GLN A 119 -5.54 9.18 -3.71
CA GLN A 119 -5.94 8.23 -4.74
C GLN A 119 -5.62 6.79 -4.37
N TRP A 120 -4.51 6.56 -3.66
CA TRP A 120 -4.26 5.22 -3.12
C TRP A 120 -5.43 4.74 -2.27
N ALA A 121 -6.19 5.67 -1.68
CA ALA A 121 -7.32 5.30 -0.84
C ALA A 121 -8.41 4.55 -1.61
N TYR A 122 -8.46 4.70 -2.94
CA TYR A 122 -9.45 4.04 -3.77
C TYR A 122 -9.04 2.65 -4.24
N HIS A 123 -7.87 2.17 -3.79
CA HIS A 123 -7.31 0.93 -4.35
C HIS A 123 -8.27 -0.25 -4.19
N GLU A 124 -8.65 -0.55 -2.95
CA GLU A 124 -9.45 -1.76 -2.73
C GLU A 124 -10.84 -1.64 -3.35
N ARG A 125 -11.42 -0.44 -3.36
CA ARG A 125 -12.73 -0.27 -4.00
C ARG A 125 -12.64 -0.49 -5.50
N PHE A 126 -11.63 0.10 -6.16
CA PHE A 126 -11.41 -0.17 -7.57
C PHE A 126 -11.15 -1.66 -7.82
N LYS A 127 -10.29 -2.26 -7.00
CA LYS A 127 -9.97 -3.67 -7.19
C LYS A 127 -11.21 -4.54 -7.08
N GLU A 128 -12.04 -4.30 -6.06
CA GLU A 128 -13.23 -5.12 -5.86
C GLU A 128 -14.20 -4.96 -7.03
N ALA A 129 -14.24 -3.79 -7.65
CA ALA A 129 -15.12 -3.52 -8.77
C ALA A 129 -14.52 -3.93 -10.11
N GLY A 130 -13.32 -4.51 -10.11
CA GLY A 130 -12.69 -4.91 -11.35
C GLY A 130 -12.17 -3.77 -12.20
N LEU A 131 -11.97 -2.59 -11.59
CA LEU A 131 -11.56 -1.39 -12.32
C LEU A 131 -10.07 -1.13 -12.11
N THR A 132 -9.41 -0.70 -13.19
CA THR A 132 -8.00 -0.33 -13.16
C THR A 132 -7.88 1.19 -13.19
N ALA A 133 -7.08 1.74 -12.29
CA ALA A 133 -6.70 3.15 -12.31
C ALA A 133 -5.20 3.26 -12.53
N ILE A 134 -4.80 4.04 -13.52
CA ILE A 134 -3.41 4.25 -13.88
C ILE A 134 -3.06 5.70 -13.54
N LEU A 135 -2.22 5.89 -12.53
CA LEU A 135 -1.92 7.22 -12.02
C LEU A 135 -0.66 7.79 -12.65
N GLY A 136 -0.67 9.10 -12.90
CA GLY A 136 0.51 9.83 -13.31
C GLY A 136 1.20 9.27 -14.55
N CYS A 137 0.43 9.07 -15.61
CA CYS A 137 0.97 8.50 -16.84
C CYS A 137 1.15 9.56 -17.92
N GLY A 138 1.83 10.64 -17.57
CA GLY A 138 2.37 11.61 -18.52
C GLY A 138 3.82 11.28 -18.84
N PHE A 139 4.65 12.33 -18.94
CA PHE A 139 6.06 12.03 -19.10
C PHE A 139 6.79 11.98 -17.76
N ASP A 140 6.66 13.02 -16.94
CA ASP A 140 7.23 13.02 -15.60
C ASP A 140 6.25 13.76 -14.70
N PRO A 141 5.39 13.03 -13.95
CA PRO A 141 5.30 11.57 -13.80
C PRO A 141 4.86 10.81 -15.05
N GLY A 142 5.21 9.53 -15.11
CA GLY A 142 4.83 8.65 -16.19
C GLY A 142 6.02 7.93 -16.80
N VAL A 143 6.50 8.42 -17.95
CA VAL A 143 7.64 7.79 -18.60
C VAL A 143 8.84 7.75 -17.66
N SER A 144 8.96 8.73 -16.76
CA SER A 144 10.08 8.73 -15.84
C SER A 144 10.07 7.48 -14.95
N GLY A 145 8.88 7.07 -14.51
CA GLY A 145 8.77 5.83 -13.76
C GLY A 145 8.83 4.59 -14.63
N ILE A 146 8.34 4.69 -15.86
CA ILE A 146 8.43 3.56 -16.79
C ILE A 146 9.87 3.32 -17.20
N TYR A 147 10.64 4.39 -17.42
CA TYR A 147 12.08 4.28 -17.63
C TYR A 147 12.75 3.58 -16.46
N THR A 148 12.36 3.94 -15.24
CA THR A 148 12.97 3.35 -14.05
C THR A 148 12.64 1.87 -13.95
N ALA A 149 11.36 1.52 -14.13
CA ALA A 149 10.98 0.10 -14.13
C ALA A 149 11.73 -0.66 -15.22
N TYR A 150 11.92 -0.03 -16.38
CA TYR A 150 12.65 -0.66 -17.47
C TYR A 150 14.09 -0.96 -17.07
N ALA A 151 14.76 0.01 -16.44
CA ALA A 151 16.13 -0.20 -16.01
C ALA A 151 16.22 -1.29 -14.96
N ALA A 152 15.30 -1.29 -13.99
CA ALA A 152 15.28 -2.32 -12.97
C ALA A 152 15.06 -3.70 -13.58
N LYS A 153 14.26 -3.77 -14.65
CA LYS A 153 13.95 -5.07 -15.24
C LYS A 153 15.11 -5.65 -16.05
N HIS A 154 15.90 -4.80 -16.71
CA HIS A 154 16.82 -5.29 -17.72
C HIS A 154 18.30 -5.08 -17.40
N TYR A 155 18.66 -4.08 -16.60
CA TYR A 155 20.05 -3.65 -16.50
C TYR A 155 20.64 -3.65 -15.10
N PHE A 156 19.85 -3.90 -14.07
CA PHE A 156 20.33 -3.80 -12.70
C PHE A 156 19.77 -4.94 -11.86
N ASP A 157 20.64 -5.57 -11.06
CA ASP A 157 20.15 -6.41 -9.99
C ASP A 157 19.53 -5.57 -8.88
N GLU A 158 20.05 -4.35 -8.69
CA GLU A 158 19.64 -3.50 -7.57
C GLU A 158 19.90 -2.06 -7.97
N ILE A 159 18.83 -1.29 -8.24
CA ILE A 159 19.01 0.14 -8.49
C ILE A 159 19.19 0.84 -7.15
N GLN A 160 20.11 1.81 -7.12
CA GLN A 160 20.47 2.46 -5.86
C GLN A 160 20.33 3.98 -5.92
N TYR A 161 20.50 4.56 -7.10
CA TYR A 161 20.45 6.01 -7.26
C TYR A 161 19.60 6.36 -8.47
N LEU A 162 18.62 7.24 -8.25
CA LEU A 162 17.73 7.72 -9.29
C LEU A 162 17.79 9.24 -9.35
N ASP A 163 18.07 9.77 -10.53
CA ASP A 163 17.99 11.21 -10.79
C ASP A 163 17.16 11.42 -12.05
N ILE A 164 16.01 12.04 -11.89
CA ILE A 164 15.17 12.45 -13.00
C ILE A 164 15.58 13.87 -13.39
N VAL A 165 15.79 14.10 -14.67
CA VAL A 165 16.26 15.39 -15.17
C VAL A 165 15.36 15.84 -16.31
N ASP A 166 14.97 17.12 -16.28
CA ASP A 166 13.95 17.68 -17.17
C ASP A 166 14.44 19.04 -17.62
N CYS A 167 14.78 19.17 -18.91
CA CYS A 167 15.22 20.43 -19.49
C CYS A 167 14.32 20.82 -20.64
N ASN A 168 13.76 22.03 -20.58
CA ASN A 168 13.10 22.66 -21.72
C ASN A 168 14.07 23.69 -22.27
N ALA A 169 14.74 23.35 -23.38
CA ALA A 169 15.74 24.20 -23.99
C ALA A 169 15.16 25.10 -25.07
N GLY A 170 13.84 25.17 -25.19
CA GLY A 170 13.23 25.89 -26.28
C GLY A 170 13.10 27.38 -26.02
N ASN A 171 12.66 28.08 -27.07
CA ASN A 171 12.45 29.53 -27.03
C ASN A 171 11.06 29.80 -27.59
N HIS A 172 10.12 30.20 -26.74
CA HIS A 172 8.78 30.57 -27.18
C HIS A 172 8.66 32.05 -27.52
N HIS A 173 9.74 32.81 -27.42
CA HIS A 173 9.81 34.21 -27.84
C HIS A 173 8.79 35.09 -27.15
N LYS A 174 8.31 34.68 -25.98
CA LYS A 174 7.51 35.53 -25.11
C LYS A 174 8.40 36.03 -23.97
N ALA A 175 8.10 37.23 -23.48
CA ALA A 175 8.81 37.72 -22.31
C ALA A 175 8.73 36.71 -21.17
N PHE A 176 7.53 36.18 -20.92
CA PHE A 176 7.34 35.14 -19.93
C PHE A 176 6.12 34.30 -20.28
N ALA A 177 6.29 32.98 -20.26
CA ALA A 177 5.16 32.07 -20.41
C ALA A 177 5.53 30.76 -19.74
N THR A 178 4.52 30.05 -19.25
CA THR A 178 4.68 28.71 -18.71
C THR A 178 4.30 27.69 -19.77
N ASN A 179 4.83 26.47 -19.60
CA ASN A 179 4.65 25.43 -20.59
C ASN A 179 3.33 24.68 -20.47
N PHE A 180 2.72 24.68 -19.28
CA PHE A 180 1.37 24.15 -19.12
C PHE A 180 0.63 25.05 -18.13
N ASN A 181 -0.60 24.67 -17.81
CA ASN A 181 -1.51 25.47 -16.98
C ASN A 181 -0.73 26.26 -15.93
N PRO A 182 -0.65 27.60 -16.07
CA PRO A 182 0.21 28.38 -15.16
C PRO A 182 -0.16 28.21 -13.70
N GLU A 183 -1.46 28.09 -13.40
CA GLU A 183 -1.89 27.91 -12.02
C GLU A 183 -1.23 26.68 -11.41
N ILE A 184 -1.37 25.53 -12.07
CA ILE A 184 -0.78 24.30 -11.55
C ILE A 184 0.75 24.39 -11.61
N ASN A 185 1.29 24.93 -12.71
CA ASN A 185 2.73 24.98 -12.89
C ASN A 185 3.41 25.82 -11.83
N ILE A 186 2.83 26.99 -11.51
CA ILE A 186 3.44 27.89 -10.54
C ILE A 186 3.30 27.36 -9.12
N ARG A 187 2.13 26.80 -8.77
CA ARG A 187 1.97 26.18 -7.46
C ARG A 187 3.04 25.14 -7.21
N GLU A 188 3.33 24.32 -8.22
CA GLU A 188 4.29 23.24 -8.06
C GLU A 188 5.71 23.78 -7.82
N ILE A 189 6.19 24.66 -8.69
CA ILE A 189 7.61 25.02 -8.69
C ILE A 189 7.99 26.01 -7.60
N THR A 190 7.03 26.58 -6.88
CA THR A 190 7.32 27.54 -5.83
C THR A 190 7.37 26.94 -4.44
N GLN A 191 7.16 25.62 -4.31
CA GLN A 191 7.23 24.98 -3.01
C GLN A 191 8.67 24.68 -2.61
N ASN A 192 8.87 24.36 -1.34
CA ASN A 192 10.17 23.90 -0.88
C ASN A 192 10.61 22.68 -1.67
N GLY A 193 11.89 22.61 -1.98
CA GLY A 193 12.44 21.39 -2.55
C GLY A 193 12.38 20.25 -1.55
N ARG A 194 12.25 19.03 -2.08
CA ARG A 194 12.34 17.83 -1.27
C ARG A 194 12.97 16.72 -2.09
N TYR A 195 13.84 15.94 -1.45
CA TYR A 195 14.42 14.76 -2.06
C TYR A 195 14.60 13.69 -0.99
N TYR A 196 14.99 12.50 -1.44
CA TYR A 196 15.08 11.33 -0.58
C TYR A 196 16.53 10.86 -0.53
N GLU A 197 17.05 10.68 0.67
CA GLU A 197 18.41 10.16 0.81
C GLU A 197 18.55 9.45 2.15
N ASN A 198 19.15 8.25 2.11
CA ASN A 198 19.52 7.49 3.30
C ASN A 198 18.35 7.40 4.29
N GLY A 199 17.20 6.97 3.78
CA GLY A 199 16.07 6.65 4.62
C GLY A 199 15.24 7.83 5.07
N GLN A 200 15.54 9.04 4.62
CA GLN A 200 14.83 10.23 5.07
C GLN A 200 14.53 11.14 3.89
N TRP A 201 13.47 11.93 4.04
CA TRP A 201 13.16 12.99 3.10
C TRP A 201 13.78 14.30 3.58
N VAL A 202 14.53 14.95 2.71
CA VAL A 202 15.25 16.17 3.04
C VAL A 202 14.51 17.34 2.38
N THR A 203 14.29 18.40 3.15
CA THR A 203 13.66 19.62 2.66
C THR A 203 14.73 20.67 2.38
N THR A 204 14.56 21.40 1.29
CA THR A 204 15.39 22.55 0.93
C THR A 204 14.50 23.77 0.76
N GLY A 205 15.14 24.93 0.63
CA GLY A 205 14.43 26.11 0.20
C GLY A 205 13.96 25.93 -1.22
N PRO A 206 12.98 26.71 -1.66
CA PRO A 206 12.51 26.62 -3.05
C PRO A 206 13.64 26.96 -4.02
N LEU A 207 13.94 26.04 -4.92
CA LEU A 207 14.96 26.24 -5.94
C LEU A 207 16.30 26.63 -5.31
N GLU A 208 16.61 26.03 -4.17
CA GLU A 208 17.86 26.34 -3.46
C GLU A 208 19.05 25.63 -4.07
N ILE A 209 18.91 24.34 -4.36
CA ILE A 209 20.02 23.51 -4.81
C ILE A 209 20.01 23.46 -6.33
N HIS A 210 21.18 23.67 -6.94
CA HIS A 210 21.26 23.59 -8.39
C HIS A 210 22.67 23.22 -8.84
N LYS A 211 22.73 22.59 -10.01
CA LYS A 211 23.96 22.12 -10.64
C LYS A 211 23.89 22.42 -12.13
N ASP A 212 25.07 22.50 -12.76
CA ASP A 212 25.16 22.41 -14.21
C ASP A 212 25.09 20.95 -14.62
N LEU A 213 24.12 20.61 -15.47
CA LEU A 213 23.99 19.28 -16.05
C LEU A 213 24.00 19.40 -17.56
N THR A 214 24.62 18.44 -18.23
CA THR A 214 24.76 18.46 -19.68
C THR A 214 23.62 17.64 -20.30
N TYR A 215 22.86 18.26 -21.18
CA TYR A 215 21.70 17.60 -21.78
C TYR A 215 21.96 17.26 -23.24
N PRO A 216 21.56 16.08 -23.69
CA PRO A 216 21.80 15.69 -25.09
C PRO A 216 21.34 16.75 -26.07
N ASN A 217 22.21 17.08 -27.02
CA ASN A 217 21.94 18.01 -28.12
C ASN A 217 21.69 19.43 -27.62
N ILE A 218 21.97 19.72 -26.35
CA ILE A 218 21.66 21.03 -25.77
C ILE A 218 22.90 21.60 -25.09
N GLY A 219 23.54 20.83 -24.22
CA GLY A 219 24.70 21.29 -23.50
C GLY A 219 24.41 21.54 -22.03
N PRO A 220 25.36 22.17 -21.33
CA PRO A 220 25.17 22.43 -19.90
C PRO A 220 24.05 23.43 -19.64
N ARG A 221 23.23 23.15 -18.63
CA ARG A 221 22.15 24.03 -18.24
C ARG A 221 22.02 24.03 -16.72
N ASP A 222 21.77 25.22 -16.16
CA ASP A 222 21.49 25.40 -14.74
C ASP A 222 20.25 24.60 -14.34
N SER A 223 20.43 23.58 -13.51
CA SER A 223 19.38 22.63 -13.16
C SER A 223 19.10 22.68 -11.66
N TYR A 224 17.82 22.80 -11.30
CA TYR A 224 17.40 23.04 -9.93
C TYR A 224 16.68 21.83 -9.36
N LEU A 225 17.00 21.52 -8.10
CA LEU A 225 16.37 20.40 -7.41
C LEU A 225 15.02 20.84 -6.87
N LEU A 226 13.98 20.05 -7.16
CA LEU A 226 12.69 20.29 -6.55
C LEU A 226 12.00 18.96 -6.36
N TYR A 227 10.98 18.96 -5.51
CA TYR A 227 10.17 17.77 -5.33
C TYR A 227 9.40 17.49 -6.62
N HIS A 228 9.06 16.23 -6.82
CA HIS A 228 8.20 15.83 -7.93
C HIS A 228 7.43 14.57 -7.52
N GLU A 229 6.15 14.52 -7.90
CA GLU A 229 5.24 13.55 -7.29
C GLU A 229 5.70 12.11 -7.48
N GLU A 230 6.40 11.79 -8.57
CA GLU A 230 6.77 10.40 -8.80
C GLU A 230 7.87 9.94 -7.84
N LEU A 231 8.55 10.87 -7.17
CA LEU A 231 9.51 10.44 -6.15
C LEU A 231 8.82 9.66 -5.04
N GLU A 232 7.58 10.04 -4.69
CA GLU A 232 6.87 9.35 -3.62
C GLU A 232 6.67 7.88 -3.96
N SER A 233 6.12 7.59 -5.13
CA SER A 233 5.77 6.21 -5.45
C SER A 233 7.01 5.39 -5.82
N LEU A 234 7.97 6.01 -6.52
CA LEU A 234 9.17 5.26 -6.90
C LEU A 234 9.99 4.87 -5.67
N VAL A 235 10.07 5.75 -4.66
CA VAL A 235 10.76 5.37 -3.44
C VAL A 235 9.99 4.29 -2.69
N LYS A 236 8.66 4.33 -2.77
CA LYS A 236 7.85 3.27 -2.18
C LYS A 236 8.11 1.93 -2.86
N ASN A 237 8.10 1.92 -4.19
CA ASN A 237 8.08 0.67 -4.95
C ASN A 237 9.46 0.10 -5.26
N PHE A 238 10.53 0.86 -5.06
CA PHE A 238 11.90 0.37 -5.24
C PHE A 238 12.69 0.64 -3.96
N PRO A 239 12.51 -0.22 -2.95
CA PRO A 239 13.16 0.04 -1.64
C PRO A 239 14.68 0.11 -1.70
N THR A 240 15.33 -0.53 -2.68
CA THR A 240 16.78 -0.51 -2.74
C THR A 240 17.34 0.87 -3.08
N ILE A 241 16.51 1.78 -3.61
CA ILE A 241 16.98 3.12 -3.89
C ILE A 241 17.49 3.76 -2.61
N LYS A 242 18.70 4.30 -2.67
CA LYS A 242 19.31 5.03 -1.56
C LYS A 242 19.12 6.53 -1.64
N ARG A 243 18.99 7.07 -2.85
CA ARG A 243 18.88 8.50 -3.07
C ARG A 243 18.08 8.73 -4.34
N ALA A 244 17.06 9.57 -4.26
CA ALA A 244 16.25 9.93 -5.42
C ALA A 244 16.03 11.43 -5.43
N ARG A 245 16.32 12.05 -6.59
CA ARG A 245 16.18 13.48 -6.75
C ARG A 245 15.60 13.78 -8.13
N PHE A 246 14.97 14.95 -8.24
CA PHE A 246 14.40 15.45 -9.48
C PHE A 246 15.00 16.82 -9.77
N TRP A 247 15.41 17.04 -11.02
CA TRP A 247 16.05 18.27 -11.44
C TRP A 247 15.32 18.85 -12.64
N MET A 248 15.16 20.18 -12.64
CA MET A 248 14.56 20.89 -13.76
C MET A 248 15.38 22.15 -14.04
N THR A 249 15.59 22.44 -15.31
CA THR A 249 16.35 23.62 -15.69
C THR A 249 15.47 24.85 -15.63
N PHE A 250 16.05 25.96 -15.15
CA PHE A 250 15.41 27.26 -15.13
C PHE A 250 16.39 28.30 -15.63
N GLY A 251 15.99 29.07 -16.65
CA GLY A 251 16.79 30.19 -17.09
C GLY A 251 16.67 31.38 -16.15
N GLN A 252 17.63 32.30 -16.27
CA GLN A 252 17.69 33.42 -15.33
C GLN A 252 16.47 34.32 -15.48
N GLU A 253 16.06 34.61 -16.71
CA GLU A 253 14.88 35.46 -16.90
C GLU A 253 13.64 34.80 -16.31
N TYR A 254 13.48 33.49 -16.50
CA TYR A 254 12.34 32.79 -15.92
C TYR A 254 12.32 32.96 -14.40
N LEU A 255 13.46 32.70 -13.75
CA LEU A 255 13.51 32.81 -12.30
C LEU A 255 13.20 34.23 -11.83
N THR A 256 13.69 35.24 -12.57
CA THR A 256 13.40 36.62 -12.22
C THR A 256 11.90 36.88 -12.23
N HIS A 257 11.23 36.47 -13.30
CA HIS A 257 9.78 36.66 -13.38
C HIS A 257 9.06 35.91 -12.27
N LEU A 258 9.51 34.67 -11.98
CA LEU A 258 8.86 33.88 -10.94
C LEU A 258 8.98 34.54 -9.58
N ARG A 259 10.17 35.08 -9.28
CA ARG A 259 10.39 35.76 -8.00
C ARG A 259 9.47 36.97 -7.87
N VAL A 260 9.36 37.78 -8.93
CA VAL A 260 8.54 38.99 -8.86
C VAL A 260 7.06 38.63 -8.75
N ILE A 261 6.63 37.59 -9.47
CA ILE A 261 5.24 37.15 -9.38
C ILE A 261 4.87 36.83 -7.95
N GLN A 262 5.75 36.13 -7.23
CA GLN A 262 5.48 35.82 -5.83
C GLN A 262 5.49 37.08 -4.97
N ASN A 263 6.45 37.97 -5.20
CA ASN A 263 6.60 39.14 -4.35
C ASN A 263 5.39 40.06 -4.44
N ILE A 264 4.79 40.17 -5.63
CA ILE A 264 3.67 41.09 -5.82
C ILE A 264 2.34 40.45 -5.48
N GLY A 265 2.34 39.21 -4.99
CA GLY A 265 1.13 38.55 -4.53
C GLY A 265 0.34 37.83 -5.59
N MET A 266 0.81 37.79 -6.83
CA MET A 266 0.04 37.18 -7.92
C MET A 266 0.25 35.67 -8.02
N ALA A 267 0.99 35.07 -7.10
CA ALA A 267 1.04 33.61 -6.98
C ALA A 267 0.14 33.11 -5.85
N ARG A 268 -0.62 34.00 -5.22
CA ARG A 268 -1.49 33.60 -4.12
C ARG A 268 -2.57 32.65 -4.58
N ILE A 269 -2.92 31.70 -3.72
CA ILE A 269 -3.97 30.73 -4.01
C ILE A 269 -5.22 30.96 -3.17
N ASP A 270 -5.18 31.87 -2.21
CA ASP A 270 -6.38 32.19 -1.44
C ASP A 270 -7.25 33.16 -2.21
N GLU A 271 -8.51 33.25 -1.79
CA GLU A 271 -9.51 34.08 -2.46
C GLU A 271 -9.55 35.46 -1.79
N ILE A 272 -9.53 36.50 -2.61
CA ILE A 272 -9.74 37.87 -2.14
C ILE A 272 -11.06 38.38 -2.73
N ASP A 273 -11.68 39.30 -2.02
CA ASP A 273 -12.92 39.93 -2.46
C ASP A 273 -12.57 41.13 -3.33
N TYR A 274 -12.97 41.08 -4.60
CA TYR A 274 -12.73 42.17 -5.54
C TYR A 274 -14.07 42.58 -6.15
N ASN A 275 -14.58 43.72 -5.72
CA ASN A 275 -15.90 44.19 -6.11
C ASN A 275 -16.96 43.13 -5.82
N GLY A 276 -16.95 42.64 -4.59
CA GLY A 276 -17.92 41.65 -4.17
C GLY A 276 -17.82 40.33 -4.89
N GLN A 277 -16.69 40.05 -5.52
CA GLN A 277 -16.46 38.79 -6.21
C GLN A 277 -15.22 38.12 -5.64
N LYS A 278 -15.25 36.79 -5.58
CA LYS A 278 -14.15 36.02 -5.03
C LYS A 278 -13.19 35.64 -6.15
N ILE A 279 -11.95 36.10 -6.04
CA ILE A 279 -10.93 35.93 -7.08
C ILE A 279 -9.67 35.40 -6.44
N VAL A 280 -9.10 34.36 -7.03
CA VAL A 280 -7.80 33.83 -6.62
C VAL A 280 -6.74 34.51 -7.49
N PRO A 281 -5.79 35.24 -6.90
CA PRO A 281 -4.85 36.01 -7.75
C PRO A 281 -4.12 35.15 -8.76
N LEU A 282 -3.60 33.99 -8.34
CA LEU A 282 -2.92 33.11 -9.28
C LEU A 282 -3.84 32.75 -10.44
N GLN A 283 -5.14 32.57 -10.17
CA GLN A 283 -6.09 32.29 -11.23
C GLN A 283 -6.30 33.51 -12.13
N PHE A 284 -6.27 34.72 -11.55
CA PHE A 284 -6.34 35.90 -12.40
C PHE A 284 -5.09 36.03 -13.26
N LEU A 285 -3.92 35.77 -12.68
CA LEU A 285 -2.69 35.80 -13.46
C LEU A 285 -2.80 34.89 -14.68
N LYS A 286 -3.34 33.68 -14.49
CA LYS A 286 -3.54 32.76 -15.60
C LYS A 286 -4.30 33.42 -16.74
N ALA A 287 -5.27 34.27 -16.40
CA ALA A 287 -6.10 34.90 -17.42
C ALA A 287 -5.29 35.82 -18.33
N VAL A 288 -4.31 36.53 -17.78
CA VAL A 288 -3.56 37.50 -18.56
C VAL A 288 -2.26 36.94 -19.12
N LEU A 289 -1.69 35.91 -18.50
CA LEU A 289 -0.50 35.29 -19.03
C LEU A 289 -0.79 34.68 -20.40
N PRO A 290 0.24 34.50 -21.22
CA PRO A 290 0.04 33.82 -22.50
C PRO A 290 -0.50 32.41 -22.26
N ASN A 291 -1.40 31.99 -23.13
CA ASN A 291 -1.94 30.64 -23.06
C ASN A 291 -0.89 29.64 -23.55
N PRO A 292 -0.44 28.69 -22.73
CA PRO A 292 0.54 27.70 -23.22
C PRO A 292 0.11 27.05 -24.52
N GLN A 293 -1.19 26.91 -24.73
CA GLN A 293 -1.70 26.21 -25.91
C GLN A 293 -1.43 26.98 -27.19
N ASP A 294 -1.13 28.27 -27.11
CA ASP A 294 -0.93 29.12 -28.28
C ASP A 294 0.53 29.43 -28.57
N LEU A 295 1.47 28.71 -27.96
CA LEU A 295 2.89 29.03 -28.08
C LEU A 295 3.58 28.24 -29.18
N GLY A 296 2.97 27.16 -29.68
CA GLY A 296 3.68 26.27 -30.58
C GLY A 296 4.14 26.93 -31.87
N GLU A 297 3.37 27.91 -32.37
CA GLU A 297 3.66 28.46 -33.69
C GLU A 297 5.03 29.11 -33.75
N ASN A 298 5.45 29.77 -32.66
CA ASN A 298 6.73 30.45 -32.61
C ASN A 298 7.72 29.76 -31.65
N TYR A 299 7.48 28.50 -31.33
CA TYR A 299 8.32 27.74 -30.39
C TYR A 299 9.40 27.02 -31.17
N GLU A 300 10.66 27.27 -30.84
CA GLU A 300 11.79 26.55 -31.40
C GLU A 300 12.57 25.88 -30.27
N GLY A 301 13.47 24.99 -30.65
CA GLY A 301 14.23 24.22 -29.68
C GLY A 301 13.53 22.93 -29.31
N GLU A 302 14.02 22.32 -28.23
CA GLU A 302 13.50 21.01 -27.84
C GLU A 302 13.62 20.82 -26.33
N THR A 303 12.87 19.85 -25.84
CA THR A 303 12.97 19.37 -24.47
C THR A 303 13.89 18.16 -24.41
N SER A 304 14.40 17.88 -23.21
CA SER A 304 15.17 16.67 -22.95
C SER A 304 14.83 16.20 -21.55
N ILE A 305 14.23 15.02 -21.43
CA ILE A 305 13.74 14.48 -20.17
C ILE A 305 14.18 13.04 -20.07
N GLY A 306 14.73 12.65 -18.93
CA GLY A 306 15.19 11.29 -18.79
C GLY A 306 15.55 10.95 -17.36
N CYS A 307 16.10 9.75 -17.19
CA CYS A 307 16.47 9.23 -15.88
C CYS A 307 17.91 8.76 -15.90
N ARG A 308 18.68 9.22 -14.92
CA ARG A 308 20.05 8.79 -14.72
C ARG A 308 20.05 7.86 -13.52
N ILE A 309 20.40 6.59 -13.76
CA ILE A 309 20.23 5.54 -12.77
C ILE A 309 21.58 4.88 -12.53
N ARG A 310 21.88 4.62 -11.25
CA ARG A 310 23.11 3.97 -10.83
C ARG A 310 22.77 2.86 -9.85
N GLY A 311 23.51 1.76 -9.94
CA GLY A 311 23.25 0.62 -9.07
C GLY A 311 24.16 -0.53 -9.41
N LEU A 312 23.80 -1.72 -8.95
CA LEU A 312 24.65 -2.89 -9.07
C LEU A 312 24.08 -3.88 -10.07
N LYS A 313 24.98 -4.48 -10.86
CA LYS A 313 24.68 -5.64 -11.68
C LYS A 313 25.82 -6.64 -11.49
N ASP A 314 25.50 -7.84 -11.04
CA ASP A 314 26.51 -8.87 -10.81
C ASP A 314 27.62 -8.32 -9.91
N GLY A 315 27.23 -7.60 -8.87
CA GLY A 315 28.16 -7.10 -7.88
C GLY A 315 28.94 -5.87 -8.28
N LYS A 316 28.84 -5.41 -9.53
CA LYS A 316 29.60 -4.27 -10.02
C LYS A 316 28.67 -3.08 -10.24
N GLU A 317 29.17 -1.88 -9.96
CA GLU A 317 28.38 -0.68 -10.16
C GLU A 317 28.30 -0.32 -11.63
N ARG A 318 27.10 0.05 -12.08
CA ARG A 318 26.84 0.40 -13.46
C ARG A 318 26.00 1.67 -13.49
N THR A 319 26.07 2.39 -14.60
CA THR A 319 25.24 3.57 -14.80
C THR A 319 24.42 3.43 -16.06
N TYR A 320 23.35 4.22 -16.12
CA TYR A 320 22.35 4.12 -17.18
C TYR A 320 21.67 5.47 -17.33
N TYR A 321 21.55 5.92 -18.57
CA TYR A 321 20.87 7.18 -18.91
C TYR A 321 19.92 6.90 -20.05
N VAL A 322 18.63 7.07 -19.81
CA VAL A 322 17.61 6.90 -20.85
C VAL A 322 16.78 8.19 -20.91
N TYR A 323 16.55 8.70 -22.12
CA TYR A 323 15.93 10.01 -22.25
C TYR A 323 15.22 10.13 -23.60
N ASN A 324 14.34 11.12 -23.68
CA ASN A 324 13.70 11.55 -24.92
C ASN A 324 13.96 13.04 -25.12
N ASN A 325 14.28 13.41 -26.37
CA ASN A 325 14.30 14.79 -26.80
C ASN A 325 13.13 15.01 -27.75
N CYS A 326 12.37 16.09 -27.51
CA CYS A 326 11.15 16.36 -28.27
C CYS A 326 11.25 17.75 -28.89
N SER A 327 11.13 17.81 -30.22
CA SER A 327 11.17 19.07 -30.96
C SER A 327 9.85 19.81 -30.80
N HIS A 328 9.92 21.03 -30.27
CA HIS A 328 8.72 21.86 -30.17
C HIS A 328 8.07 22.05 -31.54
N GLU A 329 8.88 22.27 -32.57
CA GLU A 329 8.31 22.54 -33.90
C GLU A 329 7.61 21.31 -34.45
N GLU A 330 8.20 20.13 -34.29
CA GLU A 330 7.55 18.91 -34.77
C GLU A 330 6.26 18.63 -34.02
N ALA A 331 6.28 18.81 -32.70
CA ALA A 331 5.04 18.70 -31.93
C ALA A 331 3.99 19.66 -32.46
N TYR A 332 4.39 20.89 -32.77
CA TYR A 332 3.45 21.87 -33.29
C TYR A 332 2.92 21.46 -34.67
N LYS A 333 3.80 21.08 -35.58
CA LYS A 333 3.35 20.69 -36.91
C LYS A 333 2.36 19.53 -36.83
N GLU A 334 2.54 18.61 -35.87
CA GLU A 334 1.68 17.43 -35.83
C GLU A 334 0.35 17.72 -35.12
N THR A 335 0.39 18.48 -34.03
CA THR A 335 -0.75 18.61 -33.13
C THR A 335 -1.18 20.04 -32.89
N GLY A 336 -0.46 21.04 -33.40
CA GLY A 336 -0.72 22.42 -33.10
C GLY A 336 -0.31 22.86 -31.71
N MET A 337 0.16 21.96 -30.86
CA MET A 337 0.60 22.29 -29.52
C MET A 337 2.12 22.45 -29.50
N GLN A 338 2.74 22.25 -28.35
CA GLN A 338 4.19 22.37 -28.23
C GLN A 338 4.70 21.17 -27.44
N GLY A 339 6.01 21.15 -27.19
CA GLY A 339 6.68 19.94 -26.75
C GLY A 339 6.29 19.47 -25.36
N VAL A 340 5.88 20.38 -24.49
CA VAL A 340 5.45 19.98 -23.15
C VAL A 340 4.09 19.32 -23.20
N SER A 341 3.16 19.87 -23.97
CA SER A 341 1.89 19.20 -24.18
C SER A 341 2.10 17.85 -24.84
N TYR A 342 3.06 17.77 -25.77
CA TYR A 342 3.27 16.55 -26.54
C TYR A 342 3.87 15.45 -25.66
N THR A 343 4.94 15.76 -24.93
CA THR A 343 5.57 14.75 -24.08
C THR A 343 4.60 14.24 -23.02
N THR A 344 3.63 15.06 -22.61
CA THR A 344 2.68 14.62 -21.60
C THR A 344 1.51 13.85 -22.23
N GLY A 345 1.08 14.26 -23.42
CA GLY A 345 -0.10 13.68 -24.02
C GLY A 345 0.10 12.32 -24.66
N VAL A 346 1.25 12.11 -25.30
CA VAL A 346 1.51 10.82 -25.94
C VAL A 346 1.51 9.68 -24.93
N PRO A 347 2.20 9.76 -23.79
CA PRO A 347 2.17 8.63 -22.84
C PRO A 347 0.81 8.42 -22.21
N ALA A 348 -0.01 9.47 -22.09
CA ALA A 348 -1.37 9.27 -21.59
C ALA A 348 -2.18 8.40 -22.55
N MET A 349 -2.03 8.63 -23.85
CA MET A 349 -2.70 7.78 -24.83
C MET A 349 -2.16 6.36 -24.77
N ILE A 350 -0.85 6.20 -24.55
CA ILE A 350 -0.24 4.88 -24.59
C ILE A 350 -0.68 4.06 -23.37
N GLY A 351 -0.74 4.68 -22.20
CA GLY A 351 -1.27 3.98 -21.03
C GLY A 351 -2.65 3.41 -21.29
N ALA A 352 -3.52 4.21 -21.89
CA ALA A 352 -4.86 3.72 -22.24
C ALA A 352 -4.76 2.59 -23.27
N MET A 353 -3.86 2.73 -24.24
CA MET A 353 -3.66 1.67 -25.22
C MET A 353 -3.23 0.38 -24.53
N MET A 354 -2.30 0.48 -23.58
CA MET A 354 -1.86 -0.72 -22.85
C MET A 354 -3.02 -1.38 -22.14
N PHE A 355 -3.96 -0.58 -21.61
CA PHE A 355 -5.14 -1.16 -20.98
C PHE A 355 -6.03 -1.82 -22.02
N PHE A 356 -6.30 -1.13 -23.13
CA PHE A 356 -7.20 -1.68 -24.14
C PHE A 356 -6.63 -2.96 -24.74
N LYS A 357 -5.31 -3.06 -24.86
CA LYS A 357 -4.68 -4.24 -25.44
C LYS A 357 -4.50 -5.37 -24.43
N GLY A 358 -4.83 -5.16 -23.16
CA GLY A 358 -4.62 -6.17 -22.15
C GLY A 358 -3.20 -6.25 -21.59
N GLU A 359 -2.31 -5.35 -22.01
CA GLU A 359 -0.94 -5.36 -21.50
C GLU A 359 -0.89 -4.86 -20.06
N TRP A 360 -1.63 -3.79 -19.78
CA TRP A 360 -1.70 -3.17 -18.46
C TRP A 360 -3.12 -3.36 -17.92
N LYS A 361 -3.37 -4.52 -17.33
CA LYS A 361 -4.64 -4.80 -16.66
C LYS A 361 -4.31 -5.24 -15.24
N ARG A 362 -4.76 -4.46 -14.27
CA ARG A 362 -4.39 -4.67 -12.87
C ARG A 362 -5.44 -3.98 -12.00
N PRO A 363 -6.59 -4.61 -11.77
CA PRO A 363 -7.64 -3.96 -10.97
C PRO A 363 -7.06 -3.42 -9.66
N GLY A 364 -7.51 -2.24 -9.29
CA GLY A 364 -6.92 -1.47 -8.22
C GLY A 364 -6.41 -0.14 -8.72
N VAL A 365 -5.68 0.55 -7.85
CA VAL A 365 -5.08 1.86 -8.13
C VAL A 365 -3.58 1.66 -8.24
N ASN A 366 -3.02 2.01 -9.40
CA ASN A 366 -1.65 1.66 -9.74
C ASN A 366 -0.83 2.86 -10.16
N ASN A 367 0.44 2.86 -9.77
CA ASN A 367 1.45 3.72 -10.36
C ASN A 367 2.12 2.99 -11.51
N VAL A 368 2.66 3.77 -12.46
CA VAL A 368 3.08 3.20 -13.73
C VAL A 368 4.19 2.17 -13.56
N GLU A 369 5.06 2.35 -12.57
CA GLU A 369 6.18 1.43 -12.42
C GLU A 369 5.72 0.03 -11.99
N GLU A 370 4.47 -0.14 -11.59
CA GLU A 370 3.95 -1.44 -11.21
C GLU A 370 3.57 -2.31 -12.40
N PHE A 371 3.54 -1.75 -13.60
CA PHE A 371 3.21 -2.49 -14.81
C PHE A 371 4.46 -2.92 -15.55
N ASN A 372 4.28 -3.81 -16.51
CA ASN A 372 5.38 -4.24 -17.37
C ASN A 372 5.78 -3.09 -18.27
N PRO A 373 7.00 -2.55 -18.17
CA PRO A 373 7.35 -1.38 -18.99
C PRO A 373 7.56 -1.70 -20.46
N ASP A 374 7.87 -2.94 -20.80
CA ASP A 374 8.36 -3.26 -22.15
C ASP A 374 7.37 -2.87 -23.25
N PRO A 375 6.10 -3.28 -23.21
CA PRO A 375 5.19 -2.88 -24.31
C PRO A 375 4.99 -1.37 -24.38
N PHE A 376 5.04 -0.69 -23.24
CA PHE A 376 4.93 0.77 -23.24
C PHE A 376 6.13 1.40 -23.94
N MET A 377 7.33 0.95 -23.59
CA MET A 377 8.54 1.48 -24.23
C MET A 377 8.52 1.22 -25.73
N GLU A 378 7.97 0.07 -26.14
CA GLU A 378 7.85 -0.22 -27.56
C GLU A 378 6.97 0.81 -28.27
N GLN A 379 5.84 1.18 -27.66
CA GLN A 379 4.95 2.14 -28.31
C GLN A 379 5.55 3.54 -28.32
N LEU A 380 6.34 3.91 -27.31
CA LEU A 380 6.95 5.23 -27.31
C LEU A 380 7.78 5.44 -28.57
N ASN A 381 8.52 4.42 -28.99
CA ASN A 381 9.30 4.52 -30.22
C ASN A 381 8.42 4.66 -31.44
N LYS A 382 7.19 4.16 -31.40
CA LYS A 382 6.29 4.18 -32.55
C LYS A 382 5.31 5.35 -32.55
N GLN A 383 5.13 6.03 -31.42
CA GLN A 383 4.06 7.02 -31.28
C GLN A 383 4.60 8.45 -31.14
N GLY A 384 5.87 8.68 -31.49
CA GLY A 384 6.40 10.02 -31.58
C GLY A 384 7.37 10.42 -30.48
N LEU A 385 7.69 9.53 -29.54
CA LEU A 385 8.63 9.84 -28.46
C LEU A 385 9.73 8.79 -28.39
N PRO A 386 10.54 8.66 -29.45
CA PRO A 386 11.66 7.71 -29.39
C PRO A 386 12.61 8.08 -28.27
N TRP A 387 13.19 7.05 -27.64
CA TRP A 387 14.09 7.22 -26.52
C TRP A 387 15.47 6.67 -26.87
N HIS A 388 16.46 7.13 -26.13
CA HIS A 388 17.86 6.79 -26.35
C HIS A 388 18.49 6.34 -25.05
N GLU A 389 19.39 5.36 -25.13
CA GLU A 389 20.04 4.79 -23.98
C GLU A 389 21.54 5.03 -24.05
N VAL A 390 22.14 5.38 -22.91
CA VAL A 390 23.59 5.45 -22.76
C VAL A 390 23.97 4.57 -21.58
N PHE A 391 24.87 3.62 -21.82
CA PHE A 391 25.29 2.66 -20.80
C PHE A 391 26.66 3.05 -20.28
N ASP A 392 26.80 3.08 -18.95
CA ASP A 392 28.08 3.22 -18.28
C ASP A 392 28.73 4.58 -18.53
N GLY A 393 27.92 5.59 -18.83
CA GLY A 393 28.42 6.94 -18.99
C GLY A 393 28.51 7.67 -17.67
N ASN A 394 29.03 8.89 -17.75
CA ASN A 394 29.13 9.77 -16.59
C ASN A 394 27.80 10.47 -16.38
N LEU A 395 27.15 10.20 -15.25
CA LEU A 395 25.84 10.77 -14.94
C LEU A 395 25.91 12.18 -14.39
N GLU A 396 27.10 12.66 -14.03
CA GLU A 396 27.31 14.00 -13.48
C GLU A 396 26.61 14.20 -12.15
N LEU A 397 26.15 13.11 -11.54
CA LEU A 397 25.25 13.15 -10.39
C LEU A 397 25.50 11.95 -9.50
N GLY B 2 -18.45 -2.07 29.45
CA GLY B 2 -17.36 -3.04 29.37
C GLY B 2 -17.81 -4.48 29.34
N ARG B 3 -18.68 -4.82 28.40
CA ARG B 3 -19.23 -6.16 28.27
C ARG B 3 -18.47 -6.91 27.18
N VAL B 4 -17.88 -8.05 27.53
CA VAL B 4 -17.00 -8.79 26.62
C VAL B 4 -17.47 -10.24 26.56
N LEU B 5 -17.54 -10.77 25.33
CA LEU B 5 -17.90 -12.17 25.09
C LEU B 5 -16.69 -12.89 24.52
N ILE B 6 -16.30 -13.99 25.16
CA ILE B 6 -15.21 -14.83 24.69
C ILE B 6 -15.82 -16.04 24.01
N ILE B 7 -15.44 -16.27 22.75
CA ILE B 7 -15.84 -17.47 22.02
C ILE B 7 -14.64 -18.40 21.94
N GLY B 8 -14.81 -19.62 22.45
CA GLY B 8 -13.74 -20.60 22.46
C GLY B 8 -13.26 -20.88 23.86
N ALA B 9 -13.48 -22.10 24.34
CA ALA B 9 -13.11 -22.52 25.68
C ALA B 9 -11.93 -23.48 25.66
N GLY B 10 -10.96 -23.23 24.79
CA GLY B 10 -9.76 -24.03 24.71
C GLY B 10 -8.65 -23.47 25.56
N GLY B 11 -7.41 -23.83 25.19
CA GLY B 11 -6.26 -23.34 25.94
C GLY B 11 -6.17 -21.82 25.90
N VAL B 12 -6.36 -21.23 24.72
CA VAL B 12 -6.27 -19.77 24.62
C VAL B 12 -7.43 -19.12 25.35
N GLY B 13 -8.65 -19.58 25.10
CA GLY B 13 -9.80 -19.02 25.78
C GLY B 13 -9.68 -19.11 27.29
N THR B 14 -9.10 -20.20 27.79
CA THR B 14 -8.86 -20.31 29.23
C THR B 14 -8.00 -19.15 29.72
N VAL B 15 -6.94 -18.83 28.98
CA VAL B 15 -6.06 -17.73 29.40
C VAL B 15 -6.78 -16.39 29.25
N VAL B 16 -7.50 -16.19 28.15
CA VAL B 16 -8.21 -14.92 27.95
C VAL B 16 -9.17 -14.68 29.10
N ALA B 17 -9.92 -15.71 29.49
CA ALA B 17 -10.87 -15.56 30.60
C ALA B 17 -10.16 -15.13 31.88
N HIS B 18 -9.06 -15.83 32.22
CA HIS B 18 -8.29 -15.45 33.40
C HIS B 18 -7.87 -13.98 33.34
N LYS B 19 -7.30 -13.57 32.20
CA LYS B 19 -6.76 -12.22 32.11
C LYS B 19 -7.86 -11.18 32.09
N VAL B 20 -8.99 -11.49 31.44
CA VAL B 20 -10.13 -10.58 31.48
C VAL B 20 -10.63 -10.44 32.91
N ALA B 21 -10.74 -11.56 33.63
CA ALA B 21 -11.19 -11.49 35.02
C ALA B 21 -10.25 -10.67 35.89
N GLN B 22 -8.95 -10.65 35.55
CA GLN B 22 -7.98 -9.91 36.33
C GLN B 22 -8.08 -8.40 36.13
N ASN B 23 -8.89 -7.93 35.18
CA ASN B 23 -9.03 -6.51 34.88
C ASN B 23 -10.52 -6.15 34.85
N ALA B 24 -11.19 -6.41 35.97
CA ALA B 24 -12.63 -6.18 36.07
C ALA B 24 -12.98 -4.69 36.09
N ASP B 25 -12.00 -3.80 36.30
CA ASP B 25 -12.27 -2.38 36.13
C ASP B 25 -12.57 -2.04 34.67
N VAL B 26 -12.02 -2.81 33.73
CA VAL B 26 -12.30 -2.65 32.32
C VAL B 26 -13.38 -3.61 31.85
N PHE B 27 -13.31 -4.86 32.26
CA PHE B 27 -14.21 -5.92 31.82
C PHE B 27 -15.23 -6.17 32.92
N THR B 28 -16.32 -5.40 32.91
CA THR B 28 -17.31 -5.43 33.97
C THR B 28 -18.28 -6.59 33.85
N ASP B 29 -18.45 -7.14 32.65
CA ASP B 29 -19.37 -8.25 32.41
C ASP B 29 -18.73 -9.19 31.41
N ILE B 30 -18.66 -10.47 31.77
CA ILE B 30 -17.89 -11.46 31.02
C ILE B 30 -18.77 -12.68 30.76
N MET B 31 -18.74 -13.16 29.53
CA MET B 31 -19.36 -14.44 29.17
C MET B 31 -18.38 -15.26 28.34
N ILE B 32 -18.39 -16.57 28.55
CA ILE B 32 -17.62 -17.52 27.76
C ILE B 32 -18.60 -18.46 27.06
N ALA B 33 -18.59 -18.46 25.74
CA ALA B 33 -19.45 -19.34 24.95
C ALA B 33 -18.60 -20.19 24.03
N SER B 34 -19.02 -21.44 23.83
CA SER B 34 -18.22 -22.37 23.04
C SER B 34 -19.06 -23.56 22.62
N ARG B 35 -18.48 -24.38 21.74
CA ARG B 35 -19.21 -25.54 21.22
C ARG B 35 -19.58 -26.53 22.33
N THR B 36 -18.67 -26.73 23.29
CA THR B 36 -18.91 -27.61 24.42
C THR B 36 -18.95 -26.75 25.68
N LYS B 37 -20.15 -26.55 26.22
CA LYS B 37 -20.34 -25.61 27.31
C LYS B 37 -19.63 -26.04 28.59
N SER B 38 -19.41 -27.35 28.77
CA SER B 38 -18.80 -27.80 30.02
C SER B 38 -17.39 -27.25 30.18
N LYS B 39 -16.65 -27.11 29.08
CA LYS B 39 -15.34 -26.49 29.15
C LYS B 39 -15.43 -25.03 29.58
N CYS B 40 -16.49 -24.33 29.15
CA CYS B 40 -16.74 -22.98 29.65
C CYS B 40 -16.90 -22.98 31.16
N ASP B 41 -17.74 -23.88 31.67
CA ASP B 41 -18.00 -23.90 33.11
C ASP B 41 -16.76 -24.31 33.90
N ASP B 42 -15.94 -25.20 33.35
CA ASP B 42 -14.68 -25.54 33.99
C ASP B 42 -13.82 -24.30 34.19
N ILE B 43 -13.75 -23.43 33.18
CA ILE B 43 -12.94 -22.22 33.27
C ILE B 43 -13.46 -21.33 34.38
N VAL B 44 -14.77 -21.13 34.43
CA VAL B 44 -15.37 -20.29 35.47
C VAL B 44 -15.03 -20.83 36.85
N LYS B 45 -15.11 -22.15 37.02
CA LYS B 45 -14.78 -22.76 38.31
C LYS B 45 -13.32 -22.58 38.64
N ALA B 46 -12.43 -22.73 37.64
CA ALA B 46 -11.01 -22.53 37.87
C ALA B 46 -10.70 -21.10 38.29
N ILE B 47 -11.38 -20.13 37.68
CA ILE B 47 -11.15 -18.74 38.03
C ILE B 47 -11.75 -18.42 39.40
N GLY B 48 -12.85 -19.08 39.76
CA GLY B 48 -13.49 -18.82 41.03
C GLY B 48 -14.36 -17.59 41.06
N ASN B 49 -14.73 -17.08 39.89
CA ASN B 49 -15.60 -15.91 39.76
C ASN B 49 -16.95 -16.39 39.25
N PRO B 50 -17.96 -16.58 40.11
CA PRO B 50 -19.25 -17.11 39.64
C PRO B 50 -20.02 -16.12 38.78
N ASN B 51 -19.55 -14.88 38.64
CA ASN B 51 -20.25 -13.89 37.85
C ASN B 51 -19.98 -14.00 36.36
N ILE B 52 -19.06 -14.88 35.97
CA ILE B 52 -18.78 -15.10 34.54
C ILE B 52 -19.84 -16.04 33.99
N LYS B 53 -20.59 -15.58 32.99
CA LYS B 53 -21.65 -16.38 32.40
C LYS B 53 -21.10 -17.29 31.31
N THR B 54 -21.83 -18.36 31.04
CA THR B 54 -21.42 -19.33 30.02
C THR B 54 -22.62 -19.66 29.13
N ALA B 55 -22.32 -20.19 27.95
CA ALA B 55 -23.35 -20.58 27.00
C ALA B 55 -22.75 -21.53 25.98
N GLN B 56 -23.60 -22.41 25.46
CA GLN B 56 -23.27 -23.24 24.31
C GLN B 56 -23.66 -22.49 23.04
N VAL B 57 -22.78 -22.53 22.04
CA VAL B 57 -23.09 -21.94 20.75
C VAL B 57 -22.24 -22.62 19.68
N ASP B 58 -22.85 -22.81 18.51
CA ASP B 58 -22.14 -23.25 17.31
C ASP B 58 -21.81 -22.00 16.50
N ALA B 59 -20.56 -21.56 16.59
CA ALA B 59 -20.10 -20.34 15.92
C ALA B 59 -19.94 -20.50 14.42
N ASP B 60 -20.29 -21.66 13.85
CA ASP B 60 -20.45 -21.79 12.41
C ASP B 60 -21.82 -21.31 11.94
N ASN B 61 -22.71 -20.99 12.87
CA ASN B 61 -24.11 -20.68 12.58
C ASN B 61 -24.33 -19.20 12.90
N VAL B 62 -24.46 -18.39 11.86
CA VAL B 62 -24.62 -16.95 12.06
C VAL B 62 -25.84 -16.65 12.91
N ASP B 63 -26.95 -17.37 12.66
CA ASP B 63 -28.18 -17.09 13.39
C ASP B 63 -28.05 -17.40 14.87
N GLU B 64 -27.41 -18.53 15.22
CA GLU B 64 -27.15 -18.81 16.63
C GLU B 64 -26.32 -17.71 17.27
N LEU B 65 -25.29 -17.25 16.56
CA LEU B 65 -24.42 -16.20 17.08
C LEU B 65 -25.20 -14.91 17.30
N VAL B 66 -26.00 -14.51 16.32
CA VAL B 66 -26.74 -13.25 16.43
C VAL B 66 -27.67 -13.30 17.64
N ALA B 67 -28.34 -14.44 17.85
CA ALA B 67 -29.22 -14.59 19.01
C ALA B 67 -28.44 -14.45 20.30
N LEU B 68 -27.27 -15.10 20.38
CA LEU B 68 -26.43 -14.95 21.55
C LEU B 68 -26.00 -13.51 21.74
N PHE B 69 -25.58 -12.85 20.65
CA PHE B 69 -25.13 -11.46 20.75
C PHE B 69 -26.26 -10.53 21.16
N ASN B 70 -27.47 -10.78 20.67
CA ASN B 70 -28.61 -9.96 21.06
C ASN B 70 -29.06 -10.23 22.49
N ASP B 71 -28.76 -11.42 23.02
CA ASP B 71 -29.07 -11.73 24.41
C ASP B 71 -28.08 -11.07 25.36
N PHE B 72 -26.78 -11.40 25.23
CA PHE B 72 -25.78 -10.91 26.17
C PHE B 72 -25.36 -9.48 25.87
N LYS B 73 -25.47 -9.04 24.61
CA LYS B 73 -25.15 -7.67 24.21
C LYS B 73 -23.70 -7.32 24.55
N PRO B 74 -22.72 -8.05 24.03
CA PRO B 74 -21.33 -7.66 24.22
C PRO B 74 -20.97 -6.44 23.38
N GLU B 75 -19.97 -5.69 23.83
CA GLU B 75 -19.41 -4.63 23.02
C GLU B 75 -18.30 -5.13 22.11
N MET B 76 -17.56 -6.16 22.54
CA MET B 76 -16.60 -6.83 21.67
C MET B 76 -16.66 -8.32 21.92
N VAL B 77 -16.47 -9.09 20.85
CA VAL B 77 -16.33 -10.53 20.93
C VAL B 77 -14.87 -10.85 20.65
N ILE B 78 -14.27 -11.63 21.54
CA ILE B 78 -12.92 -12.15 21.36
C ILE B 78 -13.05 -13.56 20.82
N ASN B 79 -12.76 -13.73 19.54
CA ASN B 79 -12.87 -15.02 18.87
C ASN B 79 -11.55 -15.77 19.06
N VAL B 80 -11.55 -16.71 20.00
CA VAL B 80 -10.43 -17.64 20.13
C VAL B 80 -10.97 -19.04 19.94
N ALA B 81 -11.93 -19.18 19.02
CA ALA B 81 -12.27 -20.47 18.44
C ALA B 81 -11.25 -20.76 17.34
N LEU B 82 -11.60 -21.60 16.39
CA LEU B 82 -10.63 -21.93 15.35
C LEU B 82 -10.71 -20.93 14.21
N PRO B 83 -9.69 -20.90 13.34
CA PRO B 83 -9.76 -20.01 12.18
C PRO B 83 -11.01 -20.21 11.33
N TYR B 84 -11.56 -21.44 11.31
CA TYR B 84 -12.71 -21.73 10.48
C TYR B 84 -13.93 -20.86 10.82
N GLN B 85 -14.00 -20.35 12.04
CA GLN B 85 -15.14 -19.58 12.51
C GLN B 85 -14.99 -18.08 12.30
N ASP B 86 -13.87 -17.63 11.74
CA ASP B 86 -13.61 -16.20 11.63
C ASP B 86 -14.75 -15.47 10.90
N LEU B 87 -15.15 -15.99 9.74
CA LEU B 87 -16.07 -15.24 8.88
C LEU B 87 -17.51 -15.29 9.39
N THR B 88 -17.98 -16.45 9.85
CA THR B 88 -19.33 -16.51 10.39
C THR B 88 -19.47 -15.61 11.62
N ILE B 89 -18.41 -15.53 12.43
CA ILE B 89 -18.46 -14.66 13.60
C ILE B 89 -18.47 -13.19 13.16
N MET B 90 -17.68 -12.84 12.14
CA MET B 90 -17.70 -11.47 11.65
C MET B 90 -19.07 -11.11 11.08
N GLU B 91 -19.69 -12.03 10.34
CA GLU B 91 -21.05 -11.81 9.85
C GLU B 91 -22.00 -11.48 11.00
N ALA B 92 -21.97 -12.31 12.04
CA ALA B 92 -22.83 -12.06 13.20
C ALA B 92 -22.51 -10.73 13.84
N CYS B 93 -21.22 -10.38 13.92
CA CYS B 93 -20.85 -9.09 14.50
C CYS B 93 -21.49 -7.94 13.74
N LEU B 94 -21.46 -8.00 12.40
CA LEU B 94 -22.08 -6.95 11.60
C LEU B 94 -23.57 -6.84 11.89
N LYS B 95 -24.26 -7.98 11.93
CA LYS B 95 -25.71 -7.95 12.08
C LYS B 95 -26.13 -7.52 13.47
N ALA B 96 -25.36 -7.87 14.50
CA ALA B 96 -25.68 -7.51 15.88
C ALA B 96 -24.92 -6.28 16.35
N GLU B 97 -24.13 -5.65 15.48
CA GLU B 97 -23.40 -4.42 15.79
C GLU B 97 -22.49 -4.62 17.01
N VAL B 98 -21.60 -5.60 16.87
CA VAL B 98 -20.63 -5.96 17.89
C VAL B 98 -19.24 -5.85 17.28
N ASN B 99 -18.28 -5.37 18.07
CA ASN B 99 -16.90 -5.27 17.61
C ASN B 99 -16.21 -6.62 17.74
N TYR B 100 -15.04 -6.76 17.09
CA TYR B 100 -14.47 -8.06 16.82
C TYR B 100 -12.96 -8.07 17.02
N LEU B 101 -12.45 -9.20 17.52
CA LEU B 101 -11.02 -9.43 17.66
C LEU B 101 -10.76 -10.93 17.53
N ASP B 102 -9.69 -11.29 16.82
CA ASP B 102 -9.26 -12.69 16.78
C ASP B 102 -7.74 -12.76 16.83
N THR B 103 -7.21 -13.98 16.80
CA THR B 103 -5.78 -14.21 16.90
C THR B 103 -5.22 -15.01 15.73
N ALA B 104 -6.04 -15.32 14.73
CA ALA B 104 -5.60 -16.10 13.59
C ALA B 104 -6.58 -15.85 12.44
N ASN B 105 -6.05 -15.69 11.23
CA ASN B 105 -6.89 -15.34 10.10
C ASN B 105 -7.51 -16.61 9.50
N TYR B 106 -8.37 -16.41 8.50
CA TYR B 106 -9.25 -17.46 8.04
C TYR B 106 -8.55 -18.46 7.14
N GLU B 107 -8.84 -19.74 7.38
CA GLU B 107 -8.58 -20.79 6.41
C GLU B 107 -9.81 -21.68 6.34
N PRO B 108 -10.21 -22.11 5.15
CA PRO B 108 -11.35 -23.02 5.05
C PRO B 108 -11.00 -24.40 5.57
N LYS B 109 -12.03 -25.17 5.93
CA LYS B 109 -11.81 -26.47 6.53
C LYS B 109 -11.19 -27.46 5.55
N ASP B 110 -11.43 -27.30 4.25
CA ASP B 110 -10.96 -28.24 3.25
C ASP B 110 -9.70 -27.76 2.52
N GLU B 111 -8.99 -26.78 3.07
CA GLU B 111 -7.79 -26.26 2.42
C GLU B 111 -6.92 -25.56 3.46
N ALA B 112 -5.70 -26.05 3.63
CA ALA B 112 -4.76 -25.46 4.60
C ALA B 112 -3.97 -24.33 3.94
N HIS B 113 -4.71 -23.27 3.59
CA HIS B 113 -4.11 -22.03 3.11
C HIS B 113 -4.87 -20.88 3.74
N PHE B 114 -4.15 -20.01 4.45
CA PHE B 114 -4.74 -18.85 5.10
C PHE B 114 -4.20 -17.58 4.48
N GLU B 115 -5.03 -16.55 4.48
CA GLU B 115 -4.67 -15.25 3.92
C GLU B 115 -5.69 -14.24 4.39
N TYR B 116 -5.32 -12.96 4.29
CA TYR B 116 -6.16 -11.91 4.87
C TYR B 116 -7.27 -11.43 3.94
N SER B 117 -7.24 -11.78 2.66
CA SER B 117 -8.27 -11.31 1.75
C SER B 117 -9.67 -11.54 2.30
N TRP B 118 -9.92 -12.73 2.85
CA TRP B 118 -11.26 -13.08 3.31
C TRP B 118 -11.80 -12.06 4.30
N GLN B 119 -10.96 -11.63 5.24
CA GLN B 119 -11.39 -10.73 6.31
C GLN B 119 -11.26 -9.27 5.91
N TRP B 120 -10.21 -8.92 5.17
CA TRP B 120 -10.10 -7.57 4.62
C TRP B 120 -11.33 -7.19 3.81
N ALA B 121 -11.97 -8.17 3.17
CA ALA B 121 -13.16 -7.91 2.38
C ALA B 121 -14.28 -7.26 3.19
N TYR B 122 -14.23 -7.36 4.52
CA TYR B 122 -15.26 -6.82 5.39
C TYR B 122 -14.99 -5.37 5.81
N HIS B 123 -13.92 -4.76 5.31
CA HIS B 123 -13.49 -3.46 5.82
C HIS B 123 -14.61 -2.42 5.73
N GLU B 124 -15.18 -2.24 4.53
CA GLU B 124 -16.12 -1.13 4.34
C GLU B 124 -17.43 -1.37 5.10
N ARG B 125 -17.89 -2.62 5.15
CA ARG B 125 -19.09 -2.91 5.93
C ARG B 125 -18.87 -2.59 7.40
N PHE B 126 -17.75 -3.05 7.97
CA PHE B 126 -17.46 -2.72 9.36
C PHE B 126 -17.34 -1.21 9.55
N LYS B 127 -16.66 -0.53 8.63
CA LYS B 127 -16.47 0.90 8.75
C LYS B 127 -17.81 1.64 8.74
N GLU B 128 -18.66 1.36 7.74
CA GLU B 128 -19.92 2.10 7.66
C GLU B 128 -20.84 1.79 8.84
N ALA B 129 -20.65 0.65 9.50
CA ALA B 129 -21.40 0.32 10.71
C ALA B 129 -20.75 0.87 11.97
N GLY B 130 -19.61 1.55 11.86
CA GLY B 130 -18.92 2.06 13.01
C GLY B 130 -18.28 1.00 13.89
N LEU B 131 -18.02 -0.18 13.35
CA LEU B 131 -17.50 -1.30 14.12
C LEU B 131 -16.02 -1.48 13.83
N THR B 132 -15.26 -1.81 14.88
CA THR B 132 -13.83 -2.08 14.77
C THR B 132 -13.59 -3.58 14.79
N ALA B 133 -12.77 -4.05 13.86
CA ALA B 133 -12.27 -5.42 13.86
C ALA B 133 -10.75 -5.37 14.01
N ILE B 134 -10.23 -6.15 14.94
CA ILE B 134 -8.80 -6.22 15.24
C ILE B 134 -8.35 -7.64 14.90
N LEU B 135 -7.58 -7.78 13.83
CA LEU B 135 -7.21 -9.10 13.34
C LEU B 135 -5.86 -9.53 13.90
N GLY B 136 -5.74 -10.83 14.20
CA GLY B 136 -4.45 -11.42 14.53
C GLY B 136 -3.77 -10.83 15.74
N CYS B 137 -4.51 -10.69 16.84
CA CYS B 137 -3.98 -10.06 18.06
C CYS B 137 -3.67 -11.11 19.12
N GLY B 138 -2.82 -12.06 18.74
CA GLY B 138 -2.18 -13.00 19.66
C GLY B 138 -0.75 -12.57 19.94
N PHE B 139 0.16 -13.55 20.01
CA PHE B 139 1.56 -13.15 20.09
C PHE B 139 2.21 -13.09 18.73
N ASP B 140 2.08 -14.15 17.92
CA ASP B 140 2.56 -14.13 16.54
C ASP B 140 1.58 -14.94 15.69
N PRO B 141 0.67 -14.27 14.97
CA PRO B 141 0.48 -12.82 14.83
C PRO B 141 0.02 -12.12 16.11
N GLY B 142 0.30 -10.82 16.16
CA GLY B 142 -0.12 -9.97 17.25
C GLY B 142 1.02 -9.15 17.80
N VAL B 143 1.58 -9.60 18.92
CA VAL B 143 2.69 -8.87 19.53
C VAL B 143 3.83 -8.71 18.54
N SER B 144 3.99 -9.65 17.60
CA SER B 144 5.07 -9.53 16.63
C SER B 144 4.89 -8.30 15.74
N GLY B 145 3.64 -7.99 15.38
CA GLY B 145 3.39 -6.79 14.59
C GLY B 145 3.39 -5.54 15.44
N ILE B 146 3.02 -5.67 16.71
CA ILE B 146 3.09 -4.53 17.63
C ILE B 146 4.54 -4.19 17.95
N TYR B 147 5.39 -5.21 18.16
CA TYR B 147 6.82 -4.99 18.27
C TYR B 147 7.35 -4.23 17.06
N THR B 148 6.94 -4.65 15.86
CA THR B 148 7.46 -4.03 14.65
C THR B 148 6.99 -2.58 14.53
N ALA B 149 5.72 -2.31 14.83
CA ALA B 149 5.23 -0.95 14.83
C ALA B 149 5.96 -0.10 15.86
N TYR B 150 6.25 -0.68 17.02
CA TYR B 150 7.00 0.02 18.06
C TYR B 150 8.39 0.40 17.59
N ALA B 151 9.07 -0.52 16.91
CA ALA B 151 10.40 -0.20 16.37
C ALA B 151 10.30 0.91 15.32
N ALA B 152 9.33 0.79 14.40
CA ALA B 152 9.15 1.82 13.37
C ALA B 152 8.85 3.17 13.99
N LYS B 153 8.14 3.20 15.12
CA LYS B 153 7.74 4.47 15.72
C LYS B 153 8.91 5.17 16.41
N HIS B 154 9.79 4.42 17.06
CA HIS B 154 10.76 5.02 17.97
C HIS B 154 12.21 4.91 17.53
N TYR B 155 12.58 3.86 16.79
CA TYR B 155 13.99 3.56 16.57
C TYR B 155 14.44 3.58 15.12
N PHE B 156 13.53 3.55 14.15
CA PHE B 156 13.92 3.44 12.75
C PHE B 156 13.22 4.48 11.91
N ASP B 157 13.98 5.14 11.04
CA ASP B 157 13.38 5.85 9.91
C ASP B 157 12.79 4.87 8.91
N GLU B 158 13.53 3.81 8.58
CA GLU B 158 13.07 2.77 7.66
C GLU B 158 13.42 1.41 8.23
N ILE B 159 12.42 0.54 8.38
CA ILE B 159 12.65 -0.87 8.64
C ILE B 159 12.91 -1.56 7.30
N GLN B 160 14.06 -2.24 7.19
CA GLN B 160 14.47 -2.88 5.95
C GLN B 160 14.48 -4.40 6.02
N TYR B 161 14.80 -4.97 7.18
CA TYR B 161 14.82 -6.41 7.36
C TYR B 161 14.06 -6.75 8.63
N LEU B 162 13.10 -7.66 8.50
CA LEU B 162 12.29 -8.14 9.61
C LEU B 162 12.45 -9.66 9.69
N ASP B 163 12.86 -10.15 10.85
CA ASP B 163 12.98 -11.59 11.10
C ASP B 163 12.29 -11.88 12.42
N ILE B 164 11.14 -12.55 12.34
CA ILE B 164 10.40 -12.99 13.51
C ILE B 164 10.92 -14.36 13.91
N VAL B 165 11.22 -14.53 15.20
CA VAL B 165 11.83 -15.76 15.71
C VAL B 165 10.96 -16.28 16.86
N ASP B 166 10.66 -17.58 16.82
CA ASP B 166 9.73 -18.20 17.76
C ASP B 166 10.34 -19.51 18.24
N CYS B 167 10.78 -19.54 19.49
CA CYS B 167 11.35 -20.74 20.09
C CYS B 167 10.50 -21.18 21.28
N ASN B 168 10.12 -22.46 21.28
CA ASN B 168 9.52 -23.09 22.45
C ASN B 168 10.56 -24.07 22.98
N ALA B 169 11.24 -23.67 24.06
CA ALA B 169 12.34 -24.44 24.63
C ALA B 169 11.87 -25.40 25.72
N GLY B 170 10.58 -25.46 26.00
CA GLY B 170 10.08 -26.27 27.09
C GLY B 170 10.30 -27.76 26.93
N ASN B 171 9.84 -28.52 27.92
CA ASN B 171 9.92 -29.98 27.87
C ASN B 171 8.68 -30.57 28.53
N ASN B 181 -4.03 -26.44 19.69
CA ASN B 181 -4.87 -27.31 18.87
C ASN B 181 -4.03 -27.97 17.77
N PRO B 182 -3.81 -29.28 17.86
CA PRO B 182 -2.94 -29.94 16.88
C PRO B 182 -3.49 -29.94 15.47
N GLU B 183 -4.81 -29.80 15.30
CA GLU B 183 -5.37 -29.73 13.95
C GLU B 183 -4.89 -28.48 13.23
N ILE B 184 -5.08 -27.31 13.83
CA ILE B 184 -4.59 -26.08 13.22
C ILE B 184 -3.07 -26.01 13.31
N ASN B 185 -2.48 -26.60 14.34
CA ASN B 185 -1.03 -26.54 14.52
C ASN B 185 -0.31 -27.30 13.41
N ILE B 186 -0.76 -28.53 13.13
CA ILE B 186 -0.10 -29.35 12.11
C ILE B 186 -0.39 -28.81 10.71
N ARG B 187 -1.55 -28.19 10.50
CA ARG B 187 -1.82 -27.55 9.22
C ARG B 187 -0.85 -26.40 8.98
N GLU B 188 -0.59 -25.58 9.99
CA GLU B 188 0.33 -24.45 9.86
C GLU B 188 1.68 -24.91 9.34
N ILE B 189 2.28 -25.91 10.00
CA ILE B 189 3.71 -26.18 9.85
C ILE B 189 4.07 -27.13 8.73
N THR B 190 3.09 -27.77 8.08
CA THR B 190 3.38 -28.73 7.02
C THR B 190 3.33 -28.14 5.62
N GLN B 191 3.05 -26.85 5.47
CA GLN B 191 2.98 -26.24 4.16
C GLN B 191 4.38 -25.84 3.67
N ASN B 192 4.47 -25.55 2.38
CA ASN B 192 5.69 -24.98 1.83
C ASN B 192 6.06 -23.71 2.60
N GLY B 193 7.35 -23.51 2.80
CA GLY B 193 7.81 -22.26 3.37
C GLY B 193 7.65 -21.11 2.39
N ARG B 194 7.53 -19.91 2.93
CA ARG B 194 7.35 -18.74 2.08
C ARG B 194 7.83 -17.52 2.85
N TYR B 195 8.56 -16.65 2.16
CA TYR B 195 9.03 -15.40 2.74
C TYR B 195 9.01 -14.33 1.65
N TYR B 196 9.33 -13.10 2.05
CA TYR B 196 9.28 -11.94 1.17
C TYR B 196 10.68 -11.40 0.98
N GLU B 197 11.04 -11.11 -0.27
CA GLU B 197 12.33 -10.50 -0.57
C GLU B 197 12.24 -9.73 -1.88
N ASN B 198 12.64 -8.46 -1.83
CA ASN B 198 12.75 -7.62 -3.01
C ASN B 198 11.51 -7.71 -3.88
N GLY B 199 10.37 -7.38 -3.27
CA GLY B 199 9.12 -7.26 -3.98
C GLY B 199 8.42 -8.55 -4.33
N GLN B 200 8.99 -9.70 -3.99
CA GLN B 200 8.45 -10.98 -4.41
C GLN B 200 8.28 -11.91 -3.22
N TRP B 201 7.29 -12.80 -3.32
CA TRP B 201 7.11 -13.86 -2.35
C TRP B 201 7.82 -15.11 -2.85
N VAL B 202 8.74 -15.62 -2.03
CA VAL B 202 9.63 -16.72 -2.38
C VAL B 202 9.16 -17.96 -1.63
N THR B 203 9.17 -19.09 -2.31
CA THR B 203 8.65 -20.34 -1.77
C THR B 203 9.78 -21.35 -1.60
N THR B 204 9.80 -22.01 -0.45
CA THR B 204 10.71 -23.12 -0.17
C THR B 204 9.92 -24.40 -0.03
N GLY B 205 10.64 -25.50 0.09
CA GLY B 205 10.03 -26.75 0.51
C GLY B 205 9.69 -26.67 1.98
N PRO B 206 8.80 -27.53 2.45
CA PRO B 206 8.43 -27.50 3.87
C PRO B 206 9.65 -27.71 4.76
N LEU B 207 9.89 -26.74 5.65
CA LEU B 207 10.98 -26.83 6.62
C LEU B 207 12.31 -27.16 5.96
N GLU B 208 12.55 -26.54 4.80
CA GLU B 208 13.79 -26.77 4.05
C GLU B 208 14.93 -25.87 4.54
N ILE B 209 14.65 -24.60 4.80
CA ILE B 209 15.68 -23.64 5.20
C ILE B 209 15.73 -23.58 6.72
N HIS B 210 16.91 -23.78 7.30
CA HIS B 210 17.06 -23.68 8.74
C HIS B 210 18.48 -23.28 9.09
N LYS B 211 18.63 -22.75 10.31
CA LYS B 211 19.93 -22.37 10.84
C LYS B 211 19.81 -22.24 12.34
N ASP B 212 20.95 -22.26 13.00
CA ASP B 212 21.00 -22.07 14.44
C ASP B 212 20.84 -20.60 14.77
N LEU B 213 19.87 -20.29 15.63
CA LEU B 213 19.69 -18.95 16.17
C LEU B 213 19.76 -19.06 17.69
N THR B 214 20.35 -18.05 18.31
CA THR B 214 20.58 -18.05 19.75
C THR B 214 19.48 -17.26 20.43
N TYR B 215 18.80 -17.90 21.37
CA TYR B 215 17.66 -17.31 22.03
C TYR B 215 17.99 -16.92 23.47
N PRO B 216 17.45 -15.79 23.94
CA PRO B 216 17.77 -15.35 25.30
C PRO B 216 17.43 -16.42 26.33
N ASN B 217 18.37 -16.66 27.25
CA ASN B 217 18.24 -17.58 28.37
C ASN B 217 18.16 -19.04 27.94
N ILE B 218 18.31 -19.35 26.65
CA ILE B 218 18.09 -20.68 26.13
C ILE B 218 19.32 -21.19 25.39
N GLY B 219 19.89 -20.37 24.51
CA GLY B 219 21.03 -20.77 23.73
C GLY B 219 20.66 -21.03 22.28
N PRO B 220 21.58 -21.64 21.53
CA PRO B 220 21.31 -21.88 20.11
C PRO B 220 20.33 -23.03 19.88
N ARG B 221 19.43 -22.83 18.94
CA ARG B 221 18.40 -23.81 18.61
C ARG B 221 18.18 -23.82 17.10
N ASP B 222 18.04 -25.03 16.54
CA ASP B 222 17.75 -25.19 15.12
C ASP B 222 16.42 -24.52 14.79
N SER B 223 16.47 -23.51 13.90
CA SER B 223 15.31 -22.69 13.57
C SER B 223 14.95 -22.84 12.11
N TYR B 224 13.67 -23.04 11.82
CA TYR B 224 13.20 -23.36 10.48
C TYR B 224 12.35 -22.23 9.91
N LEU B 225 12.61 -21.87 8.66
CA LEU B 225 11.84 -20.84 7.98
C LEU B 225 10.50 -21.43 7.52
N LEU B 226 9.41 -20.75 7.89
CA LEU B 226 8.09 -21.11 7.39
C LEU B 226 7.29 -19.84 7.19
N TYR B 227 6.25 -19.95 6.39
CA TYR B 227 5.33 -18.83 6.24
C TYR B 227 4.62 -18.57 7.56
N HIS B 228 4.19 -17.33 7.75
CA HIS B 228 3.34 -16.99 8.89
C HIS B 228 2.45 -15.82 8.51
N GLU B 229 1.24 -15.82 9.08
CA GLU B 229 0.19 -14.89 8.67
C GLU B 229 0.69 -13.45 8.59
N GLU B 230 1.37 -12.99 9.64
CA GLU B 230 1.62 -11.56 9.78
C GLU B 230 2.58 -11.03 8.72
N LEU B 231 3.35 -11.89 8.05
CA LEU B 231 4.22 -11.40 6.99
C LEU B 231 3.40 -10.69 5.92
N GLU B 232 2.19 -11.19 5.63
CA GLU B 232 1.37 -10.60 4.58
C GLU B 232 1.04 -9.14 4.89
N SER B 233 0.58 -8.87 6.12
CA SER B 233 0.17 -7.51 6.43
C SER B 233 1.36 -6.61 6.76
N LEU B 234 2.38 -7.16 7.44
CA LEU B 234 3.53 -6.33 7.79
C LEU B 234 4.25 -5.87 6.53
N VAL B 235 4.38 -6.74 5.54
CA VAL B 235 4.96 -6.34 4.26
C VAL B 235 4.10 -5.27 3.59
N LYS B 236 2.78 -5.45 3.62
CA LYS B 236 1.89 -4.45 3.04
C LYS B 236 2.06 -3.10 3.72
N ASN B 237 2.14 -3.10 5.05
CA ASN B 237 2.08 -1.87 5.82
C ASN B 237 3.44 -1.21 6.03
N PHE B 238 4.55 -1.90 5.73
CA PHE B 238 5.90 -1.34 5.83
C PHE B 238 6.61 -1.55 4.50
N PRO B 239 6.31 -0.71 3.50
CA PRO B 239 6.89 -0.90 2.16
C PRO B 239 8.38 -0.58 2.05
N THR B 240 9.03 -0.22 3.15
CA THR B 240 10.49 -0.13 3.15
C THR B 240 11.16 -1.48 3.28
N ILE B 241 10.40 -2.53 3.63
CA ILE B 241 11.00 -3.83 3.90
C ILE B 241 11.60 -4.41 2.62
N LYS B 242 12.85 -4.84 2.73
CA LYS B 242 13.52 -5.55 1.65
C LYS B 242 13.43 -7.06 1.81
N ARG B 243 13.31 -7.55 3.04
CA ARG B 243 13.19 -8.98 3.27
C ARG B 243 12.54 -9.21 4.61
N ALA B 244 11.50 -10.05 4.63
CA ALA B 244 10.81 -10.42 5.85
C ALA B 244 10.69 -11.94 5.89
N ARG B 245 11.10 -12.53 7.01
CA ARG B 245 11.06 -13.98 7.21
C ARG B 245 10.58 -14.29 8.63
N PHE B 246 10.06 -15.51 8.79
CA PHE B 246 9.60 -16.03 10.07
C PHE B 246 10.28 -17.36 10.33
N TRP B 247 10.78 -17.54 11.56
CA TRP B 247 11.55 -18.72 11.95
C TRP B 247 10.97 -19.35 13.21
N MET B 248 10.92 -20.68 13.24
CA MET B 248 10.44 -21.41 14.41
C MET B 248 11.37 -22.59 14.68
N THR B 249 11.65 -22.84 15.95
CA THR B 249 12.54 -23.93 16.31
C THR B 249 11.78 -25.26 16.31
N PHE B 250 12.47 -26.31 15.88
CA PHE B 250 11.92 -27.67 15.84
C PHE B 250 13.01 -28.65 16.25
N GLY B 251 12.77 -29.42 17.30
CA GLY B 251 13.67 -30.48 17.66
C GLY B 251 13.56 -31.69 16.74
N GLN B 252 14.60 -32.52 16.75
CA GLN B 252 14.66 -33.65 15.83
C GLN B 252 13.51 -34.62 16.08
N GLU B 253 13.27 -34.97 17.33
CA GLU B 253 12.21 -35.93 17.63
C GLU B 253 10.85 -35.39 17.22
N TYR B 254 10.60 -34.11 17.45
CA TYR B 254 9.36 -33.49 16.97
C TYR B 254 9.22 -33.66 15.46
N LEU B 255 10.27 -33.30 14.72
CA LEU B 255 10.21 -33.41 13.27
C LEU B 255 9.98 -34.85 12.83
N THR B 256 10.60 -35.82 13.51
CA THR B 256 10.39 -37.22 13.16
C THR B 256 8.94 -37.62 13.36
N HIS B 257 8.36 -37.26 14.51
CA HIS B 257 6.96 -37.58 14.75
C HIS B 257 6.06 -36.90 13.73
N LEU B 258 6.37 -35.65 13.39
CA LEU B 258 5.58 -34.91 12.40
C LEU B 258 5.64 -35.59 11.04
N ARG B 259 6.83 -36.03 10.63
CA ARG B 259 7.00 -36.72 9.36
C ARG B 259 6.16 -37.99 9.33
N VAL B 260 6.24 -38.81 10.38
CA VAL B 260 5.53 -40.08 10.40
C VAL B 260 4.03 -39.86 10.39
N ILE B 261 3.55 -38.90 11.18
CA ILE B 261 2.11 -38.61 11.24
C ILE B 261 1.57 -38.36 9.84
N GLN B 262 2.28 -37.55 9.05
CA GLN B 262 1.87 -37.31 7.67
C GLN B 262 1.89 -38.61 6.87
N ASN B 263 2.97 -39.40 7.01
CA ASN B 263 3.13 -40.59 6.19
C ASN B 263 2.01 -41.60 6.44
N ILE B 264 1.57 -41.73 7.70
CA ILE B 264 0.57 -42.75 8.00
C ILE B 264 -0.85 -42.29 7.70
N GLY B 265 -1.03 -41.03 7.30
CA GLY B 265 -2.35 -40.51 6.96
C GLY B 265 -3.09 -39.80 8.07
N MET B 266 -2.47 -39.62 9.24
CA MET B 266 -3.15 -39.01 10.37
C MET B 266 -3.05 -37.48 10.37
N ALA B 267 -2.49 -36.89 9.32
CA ALA B 267 -2.48 -35.46 9.12
C ALA B 267 -3.52 -35.01 8.10
N ARG B 268 -4.31 -35.93 7.55
CA ARG B 268 -5.31 -35.59 6.55
C ARG B 268 -6.34 -34.63 7.14
N ILE B 269 -6.83 -33.71 6.29
CA ILE B 269 -7.80 -32.71 6.70
C ILE B 269 -9.17 -32.94 6.09
N ASP B 270 -9.33 -33.90 5.19
CA ASP B 270 -10.64 -34.26 4.68
C ASP B 270 -11.34 -35.23 5.63
N GLU B 271 -12.67 -35.22 5.60
CA GLU B 271 -13.46 -36.14 6.39
C GLU B 271 -13.46 -37.52 5.73
N ILE B 272 -13.20 -38.56 6.54
CA ILE B 272 -13.29 -39.94 6.09
C ILE B 272 -14.51 -40.56 6.76
N ASP B 273 -15.01 -41.64 6.14
CA ASP B 273 -16.19 -42.34 6.64
C ASP B 273 -15.75 -43.50 7.51
N TYR B 274 -16.20 -43.51 8.77
CA TYR B 274 -15.80 -44.53 9.75
C TYR B 274 -17.03 -44.96 10.54
N ASN B 275 -17.57 -46.13 10.22
CA ASN B 275 -18.76 -46.66 10.88
C ASN B 275 -19.86 -45.61 10.95
N GLY B 276 -20.21 -45.08 9.79
CA GLY B 276 -21.31 -44.15 9.68
C GLY B 276 -21.09 -42.82 10.38
N GLN B 277 -19.85 -42.40 10.56
CA GLN B 277 -19.54 -41.11 11.16
C GLN B 277 -18.44 -40.45 10.35
N LYS B 278 -18.55 -39.13 10.21
CA LYS B 278 -17.62 -38.36 9.39
C LYS B 278 -16.49 -37.91 10.31
N ILE B 279 -15.31 -38.51 10.13
CA ILE B 279 -14.15 -38.17 10.93
C ILE B 279 -13.04 -37.73 9.99
N VAL B 280 -12.37 -36.65 10.35
CA VAL B 280 -11.20 -36.17 9.63
C VAL B 280 -9.99 -36.70 10.38
N PRO B 281 -9.09 -37.43 9.74
CA PRO B 281 -7.99 -38.07 10.49
C PRO B 281 -7.25 -37.13 11.43
N LEU B 282 -6.96 -35.90 11.01
CA LEU B 282 -6.20 -35.00 11.87
C LEU B 282 -6.94 -34.67 13.16
N GLN B 283 -8.27 -34.61 13.12
CA GLN B 283 -9.02 -34.30 14.33
C GLN B 283 -9.06 -35.50 15.28
N PHE B 284 -9.26 -36.71 14.74
CA PHE B 284 -9.22 -37.88 15.61
C PHE B 284 -7.88 -37.98 16.32
N LEU B 285 -6.79 -37.71 15.59
CA LEU B 285 -5.48 -37.66 16.22
C LEU B 285 -5.50 -36.75 17.45
N LYS B 286 -6.14 -35.58 17.32
CA LYS B 286 -6.29 -34.68 18.46
C LYS B 286 -6.90 -35.39 19.65
N ALA B 287 -7.91 -36.24 19.41
CA ALA B 287 -8.56 -36.95 20.51
C ALA B 287 -7.62 -37.93 21.20
N VAL B 288 -6.56 -38.37 20.53
CA VAL B 288 -5.64 -39.36 21.09
C VAL B 288 -4.32 -38.74 21.52
N LEU B 289 -3.93 -37.60 20.99
CA LEU B 289 -2.57 -37.09 21.17
C LEU B 289 -2.26 -36.70 22.61
N GLU B 300 8.36 -27.94 31.96
CA GLU B 300 9.45 -27.04 32.34
C GLU B 300 9.97 -26.30 31.11
N GLY B 301 10.77 -25.27 31.34
CA GLY B 301 11.32 -24.47 30.26
C GLY B 301 10.48 -23.25 29.97
N GLU B 302 10.75 -22.65 28.80
CA GLU B 302 10.13 -21.37 28.47
C GLU B 302 10.09 -21.19 26.96
N THR B 303 9.23 -20.28 26.52
CA THR B 303 9.20 -19.81 25.15
C THR B 303 10.07 -18.55 25.03
N SER B 304 10.46 -18.25 23.79
CA SER B 304 11.14 -17.00 23.50
C SER B 304 10.75 -16.57 22.09
N ILE B 305 10.02 -15.47 21.98
CA ILE B 305 9.44 -15.03 20.73
C ILE B 305 9.69 -13.54 20.58
N GLY B 306 10.19 -13.13 19.43
CA GLY B 306 10.44 -11.72 19.23
C GLY B 306 10.76 -11.40 17.79
N CYS B 307 11.19 -10.16 17.57
CA CYS B 307 11.49 -9.65 16.24
C CYS B 307 12.91 -9.11 16.22
N ARG B 308 13.65 -9.49 15.19
CA ARG B 308 14.98 -8.98 14.92
C ARG B 308 14.87 -8.06 13.72
N ILE B 309 15.16 -6.79 13.93
CA ILE B 309 14.87 -5.73 12.97
C ILE B 309 16.15 -4.98 12.65
N ARG B 310 16.39 -4.76 11.36
CA ARG B 310 17.55 -4.04 10.86
C ARG B 310 17.08 -3.00 9.85
N GLY B 311 17.73 -1.83 9.88
CA GLY B 311 17.32 -0.76 9.00
C GLY B 311 18.10 0.51 9.29
N LEU B 312 17.53 1.64 8.86
CA LEU B 312 18.22 2.92 8.88
C LEU B 312 17.66 3.84 9.95
N LYS B 313 18.55 4.54 10.64
CA LYS B 313 18.19 5.63 11.55
C LYS B 313 19.23 6.71 11.38
N ASP B 314 18.79 7.93 11.05
CA ASP B 314 19.69 9.06 10.84
C ASP B 314 20.80 8.71 9.86
N GLY B 315 20.44 7.98 8.81
CA GLY B 315 21.34 7.65 7.74
C GLY B 315 22.25 6.47 7.99
N LYS B 316 22.20 5.84 9.16
CA LYS B 316 23.09 4.74 9.51
C LYS B 316 22.28 3.48 9.77
N GLU B 317 22.88 2.33 9.44
CA GLU B 317 22.22 1.06 9.74
C GLU B 317 22.20 0.82 11.25
N ARG B 318 21.12 0.20 11.70
CA ARG B 318 20.86 -0.04 13.10
C ARG B 318 20.18 -1.40 13.25
N THR B 319 20.52 -2.12 14.32
CA THR B 319 19.88 -3.39 14.62
C THR B 319 19.17 -3.32 15.97
N TYR B 320 18.15 -4.17 16.13
CA TYR B 320 17.23 -4.11 17.25
C TYR B 320 16.58 -5.47 17.42
N TYR B 321 16.49 -5.93 18.66
CA TYR B 321 15.91 -7.23 19.00
C TYR B 321 15.03 -7.02 20.21
N VAL B 322 13.73 -7.29 20.06
CA VAL B 322 12.78 -7.17 21.15
C VAL B 322 12.02 -8.48 21.27
N TYR B 323 11.85 -8.97 22.48
CA TYR B 323 11.36 -10.32 22.68
C TYR B 323 10.70 -10.43 24.05
N ASN B 324 9.93 -11.50 24.21
CA ASN B 324 9.40 -11.94 25.48
C ASN B 324 9.81 -13.39 25.72
N ASN B 325 10.13 -13.71 26.97
CA ASN B 325 10.32 -15.09 27.40
C ASN B 325 9.26 -15.40 28.44
N CYS B 326 8.53 -16.50 28.22
CA CYS B 326 7.42 -16.89 29.07
C CYS B 326 7.70 -18.26 29.64
N SER B 327 7.68 -18.38 30.96
CA SER B 327 7.93 -19.65 31.64
C SER B 327 6.67 -20.49 31.63
N HIS B 328 6.77 -21.71 31.11
CA HIS B 328 5.63 -22.63 31.14
C HIS B 328 5.12 -22.84 32.56
N GLU B 329 6.03 -22.98 33.52
CA GLU B 329 5.62 -23.22 34.90
C GLU B 329 4.82 -22.05 35.45
N GLU B 330 5.33 -20.83 35.29
CA GLU B 330 4.61 -19.66 35.79
C GLU B 330 3.25 -19.51 35.11
N ALA B 331 3.20 -19.71 33.80
CA ALA B 331 1.91 -19.67 33.10
C ALA B 331 0.95 -20.71 33.67
N TYR B 332 1.46 -21.92 33.97
CA TYR B 332 0.60 -22.96 34.50
C TYR B 332 0.10 -22.62 35.90
N LYS B 333 0.97 -22.06 36.74
CA LYS B 333 0.55 -21.71 38.10
C LYS B 333 -0.54 -20.64 38.08
N GLU B 334 -0.51 -19.75 37.09
CA GLU B 334 -1.48 -18.66 37.05
C GLU B 334 -2.78 -19.08 36.38
N THR B 335 -2.73 -19.82 35.28
CA THR B 335 -3.90 -20.07 34.45
C THR B 335 -4.20 -21.55 34.21
N GLY B 336 -3.35 -22.47 34.68
CA GLY B 336 -3.54 -23.86 34.36
C GLY B 336 -3.17 -24.24 32.94
N MET B 337 -2.67 -23.29 32.15
CA MET B 337 -2.23 -23.53 30.78
C MET B 337 -0.75 -23.21 30.66
N GLN B 338 -0.15 -23.63 29.56
CA GLN B 338 1.29 -23.49 29.38
C GLN B 338 1.60 -22.22 28.59
N GLY B 339 2.87 -22.06 28.19
CA GLY B 339 3.34 -20.78 27.68
C GLY B 339 2.77 -20.41 26.32
N VAL B 340 2.46 -21.40 25.48
CA VAL B 340 1.91 -21.09 24.16
C VAL B 340 0.51 -20.52 24.30
N SER B 341 -0.32 -21.12 25.15
CA SER B 341 -1.65 -20.57 25.38
C SER B 341 -1.55 -19.22 26.08
N TYR B 342 -0.58 -19.06 26.99
CA TYR B 342 -0.45 -17.83 27.75
C TYR B 342 -0.04 -16.66 26.88
N THR B 343 1.01 -16.85 26.07
CA THR B 343 1.50 -15.75 25.25
C THR B 343 0.47 -15.31 24.21
N THR B 344 -0.45 -16.18 23.83
CA THR B 344 -1.52 -15.82 22.90
C THR B 344 -2.71 -15.18 23.60
N GLY B 345 -3.07 -15.67 24.80
CA GLY B 345 -4.26 -15.19 25.46
C GLY B 345 -4.10 -13.81 26.06
N VAL B 346 -2.92 -13.52 26.60
CA VAL B 346 -2.69 -12.19 27.18
C VAL B 346 -2.86 -11.08 26.15
N PRO B 347 -2.20 -11.11 24.99
CA PRO B 347 -2.40 -10.03 24.02
C PRO B 347 -3.83 -9.92 23.52
N ALA B 348 -4.54 -11.05 23.39
CA ALA B 348 -5.94 -10.97 22.97
C ALA B 348 -6.75 -10.13 23.94
N MET B 349 -6.55 -10.34 25.24
CA MET B 349 -7.21 -9.51 26.23
C MET B 349 -6.79 -8.05 26.08
N ILE B 350 -5.49 -7.81 25.93
CA ILE B 350 -5.02 -6.43 25.87
C ILE B 350 -5.63 -5.71 24.68
N GLY B 351 -5.71 -6.39 23.53
CA GLY B 351 -6.38 -5.80 22.38
C GLY B 351 -7.78 -5.34 22.71
N ALA B 352 -8.57 -6.18 23.38
CA ALA B 352 -9.90 -5.78 23.81
C ALA B 352 -9.82 -4.63 24.80
N MET B 353 -8.84 -4.65 25.70
CA MET B 353 -8.67 -3.55 26.64
C MET B 353 -8.38 -2.25 25.90
N MET B 354 -7.52 -2.30 24.88
CA MET B 354 -7.22 -1.09 24.11
C MET B 354 -8.47 -0.53 23.46
N PHE B 355 -9.35 -1.41 22.96
CA PHE B 355 -10.60 -0.93 22.39
C PHE B 355 -11.49 -0.31 23.46
N PHE B 356 -11.67 -1.01 24.58
CA PHE B 356 -12.56 -0.51 25.63
C PHE B 356 -12.08 0.82 26.19
N LYS B 357 -10.76 1.04 26.22
CA LYS B 357 -10.21 2.28 26.74
C LYS B 357 -10.13 3.39 25.69
N GLY B 358 -10.50 3.11 24.44
CA GLY B 358 -10.42 4.10 23.40
C GLY B 358 -9.04 4.29 22.80
N GLU B 359 -8.05 3.51 23.23
CA GLU B 359 -6.71 3.62 22.65
C GLU B 359 -6.67 3.04 21.23
N TRP B 360 -7.45 1.99 20.98
CA TRP B 360 -7.50 1.31 19.69
C TRP B 360 -8.96 1.30 19.22
N LYS B 361 -9.37 2.36 18.52
CA LYS B 361 -10.70 2.40 17.92
C LYS B 361 -10.56 2.94 16.50
N ARG B 362 -10.95 2.13 15.53
CA ARG B 362 -10.72 2.41 14.12
C ARG B 362 -11.76 1.65 13.31
N PRO B 363 -12.96 2.20 13.08
CA PRO B 363 -13.98 1.45 12.33
C PRO B 363 -13.41 0.92 11.02
N GLY B 364 -13.72 -0.33 10.73
CA GLY B 364 -13.11 -1.06 9.65
C GLY B 364 -12.45 -2.33 10.15
N VAL B 365 -11.64 -2.94 9.28
CA VAL B 365 -10.89 -4.15 9.59
C VAL B 365 -9.42 -3.78 9.64
N ASN B 366 -8.78 -4.09 10.77
CA ASN B 366 -7.44 -3.58 11.06
C ASN B 366 -6.49 -4.70 11.44
N ASN B 367 -5.24 -4.56 11.02
CA ASN B 367 -4.15 -5.35 11.56
C ASN B 367 -3.48 -4.57 12.67
N VAL B 368 -2.83 -5.29 13.60
CA VAL B 368 -2.41 -4.68 14.84
C VAL B 368 -1.40 -3.57 14.61
N GLU B 369 -0.57 -3.69 13.58
CA GLU B 369 0.45 -2.66 13.34
C GLU B 369 -0.16 -1.32 12.93
N GLU B 370 -1.44 -1.28 12.57
CA GLU B 370 -2.08 -0.02 12.21
C GLU B 370 -2.45 0.84 13.42
N PHE B 371 -2.36 0.30 14.63
CA PHE B 371 -2.70 1.06 15.83
C PHE B 371 -1.44 1.59 16.52
N ASN B 372 -1.65 2.43 17.52
CA ASN B 372 -0.55 2.96 18.32
C ASN B 372 -0.01 1.84 19.20
N PRO B 373 1.25 1.43 19.05
CA PRO B 373 1.76 0.31 19.84
C PRO B 373 2.03 0.66 21.30
N ASP B 374 2.21 1.95 21.62
CA ASP B 374 2.72 2.32 22.94
C ASP B 374 1.82 1.87 24.08
N PRO B 375 0.52 2.16 24.08
CA PRO B 375 -0.32 1.72 25.21
C PRO B 375 -0.40 0.20 25.32
N PHE B 376 -0.27 -0.51 24.19
CA PHE B 376 -0.28 -1.96 24.23
C PHE B 376 1.00 -2.48 24.88
N MET B 377 2.15 -1.99 24.42
CA MET B 377 3.42 -2.39 25.00
C MET B 377 3.45 -2.11 26.50
N GLU B 378 2.86 -0.99 26.92
CA GLU B 378 2.82 -0.67 28.35
C GLU B 378 2.02 -1.72 29.11
N GLN B 379 0.92 -2.21 28.53
CA GLN B 379 0.12 -3.22 29.21
C GLN B 379 0.82 -4.57 29.23
N LEU B 380 1.53 -4.91 28.15
CA LEU B 380 2.26 -6.18 28.13
C LEU B 380 3.19 -6.29 29.34
N ASN B 381 3.83 -5.19 29.71
CA ASN B 381 4.73 -5.20 30.87
C ASN B 381 3.97 -5.37 32.18
N LYS B 382 2.68 -5.03 32.21
CA LYS B 382 1.87 -5.11 33.43
C LYS B 382 0.98 -6.35 33.50
N GLN B 383 0.86 -7.12 32.42
CA GLN B 383 -0.15 -8.18 32.35
C GLN B 383 0.47 -9.56 32.16
N GLY B 384 1.77 -9.71 32.41
CA GLY B 384 2.40 -11.01 32.45
C GLY B 384 3.35 -11.32 31.30
N LEU B 385 3.62 -10.38 30.42
CA LEU B 385 4.51 -10.61 29.28
C LEU B 385 5.52 -9.48 29.14
N PRO B 386 6.35 -9.28 30.16
CA PRO B 386 7.41 -8.26 30.06
C PRO B 386 8.32 -8.53 28.86
N TRP B 387 8.63 -7.47 28.13
CA TRP B 387 9.48 -7.56 26.95
C TRP B 387 10.84 -6.91 27.22
N HIS B 388 11.84 -7.30 26.43
CA HIS B 388 13.20 -6.84 26.60
C HIS B 388 13.78 -6.42 25.26
N GLU B 389 14.61 -5.37 25.29
CA GLU B 389 15.21 -4.82 24.08
C GLU B 389 16.72 -5.01 24.12
N VAL B 390 17.28 -5.42 22.99
CA VAL B 390 18.73 -5.44 22.79
C VAL B 390 19.02 -4.57 21.58
N PHE B 391 19.88 -3.58 21.76
CA PHE B 391 20.20 -2.62 20.72
C PHE B 391 21.58 -2.91 20.13
N ASP B 392 21.69 -2.78 18.81
CA ASP B 392 22.98 -2.79 18.11
C ASP B 392 23.70 -4.12 18.21
N GLY B 393 22.97 -5.21 18.41
CA GLY B 393 23.59 -6.52 18.49
C GLY B 393 23.67 -7.22 17.15
N ASN B 394 24.35 -8.37 17.15
CA ASN B 394 24.43 -9.22 15.97
C ASN B 394 23.15 -10.06 15.91
N LEU B 395 22.35 -9.85 14.88
CA LEU B 395 21.06 -10.52 14.78
C LEU B 395 21.16 -11.94 14.23
N GLU B 396 22.35 -12.38 13.83
CA GLU B 396 22.64 -13.73 13.35
C GLU B 396 21.98 -14.04 12.01
N LEU B 397 21.36 -13.06 11.36
CA LEU B 397 20.74 -13.29 10.06
C LEU B 397 20.48 -11.97 9.35
PA NAP C . -5.04 23.37 -19.45
O1A NAP C . -4.54 23.84 -20.75
O2A NAP C . -5.42 24.43 -18.41
O5B NAP C . -6.33 22.42 -19.66
C5B NAP C . -7.08 21.77 -18.62
C4B NAP C . -8.48 21.54 -19.14
O4B NAP C . -9.33 21.09 -18.06
C3B NAP C . -9.15 22.78 -19.74
O3B NAP C . -9.82 22.47 -20.96
C2B NAP C . -10.16 23.17 -18.66
O2B NAP C . -11.31 23.78 -19.28
C1B NAP C . -10.54 21.81 -18.13
N9A NAP C . -11.15 21.85 -16.81
C8A NAP C . -10.72 22.55 -15.71
N7A NAP C . -11.54 22.50 -14.69
C5A NAP C . -12.57 21.70 -15.14
C6A NAP C . -13.78 21.27 -14.54
N6A NAP C . -14.17 21.63 -13.32
N1A NAP C . -14.59 20.48 -15.28
C2A NAP C . -14.22 20.14 -16.51
N3A NAP C . -13.12 20.49 -17.17
C4A NAP C . -12.33 21.27 -16.43
O3 NAP C . -4.03 22.36 -18.74
PN NAP C . -2.91 21.43 -19.39
O1N NAP C . -1.66 22.22 -19.52
O2N NAP C . -3.48 20.80 -20.60
O5D NAP C . -2.69 20.35 -18.24
C5D NAP C . -3.52 19.16 -18.20
C4D NAP C . -3.07 18.23 -17.10
O4D NAP C . -1.79 17.64 -17.43
C3D NAP C . -2.88 18.88 -15.73
O3D NAP C . -3.46 18.08 -14.70
C2D NAP C . -1.35 18.95 -15.58
O2D NAP C . -0.97 18.91 -14.20
C1D NAP C . -0.93 17.69 -16.31
N1N NAP C . 0.49 17.67 -16.78
C2N NAP C . 1.23 16.56 -16.57
C3N NAP C . 2.55 16.52 -16.96
C7N NAP C . 3.35 15.24 -16.84
O7N NAP C . 4.42 15.13 -17.45
N7N NAP C . 2.84 14.25 -16.11
C4N NAP C . 3.11 17.65 -17.55
C5N NAP C . 2.34 18.78 -17.77
C6N NAP C . 1.01 18.77 -17.39
P2B NAP C . -11.36 25.24 -19.88
O1X NAP C . -11.11 25.15 -21.34
O2X NAP C . -12.74 25.79 -19.51
O3X NAP C . -10.29 26.02 -19.12
HOA2 NAP C . -6.08 25.16 -18.54
H51A NAP C . -7.07 22.40 -17.74
H52A NAP C . -6.57 20.84 -18.36
H4B NAP C . -8.49 20.70 -19.83
H3B NAP C . -8.41 23.56 -19.92
HO3A NAP C . -9.28 22.87 -21.69
H2B NAP C . -9.76 23.89 -17.95
H1B NAP C . -11.22 21.24 -18.77
H8A NAP C . -9.78 23.11 -15.71
H61A NAP C . -15.05 21.30 -12.95
H62A NAP C . -13.59 22.25 -12.75
H2A NAP C . -14.92 19.50 -17.04
H51N NAP C . -4.56 19.46 -18.06
H52N NAP C . -3.47 18.66 -19.17
H4D NAP C . -3.69 17.35 -17.05
H3D NAP C . -3.30 19.89 -15.69
HO3N NAP C . -4.43 18.18 -14.80
H2D NAP C . -0.90 19.87 -15.95
HO2N NAP C . -0.62 19.79 -13.92
H1D NAP C . -1.06 16.78 -15.73
H2N NAP C . 0.76 15.71 -16.08
H71N NAP C . 1.94 14.36 -15.66
H72N NAP C . 3.34 13.38 -16.01
H4N NAP C . 4.16 17.66 -17.85
H5N NAP C . 2.76 19.65 -18.24
H6N NAP C . 0.37 19.63 -17.55
HOP2 NAP C . -12.87 26.75 -19.34
HOP3 NAP C . -10.11 26.99 -19.21
PA NAP D . -8.44 -25.31 21.15
O1A NAP D . -7.84 -25.71 22.44
O2A NAP D . -8.71 -26.41 20.16
O5B NAP D . -9.82 -24.55 21.40
C5B NAP D . -10.71 -24.07 20.37
C4B NAP D . -12.04 -23.84 21.02
O4B NAP D . -13.00 -23.43 20.02
C3B NAP D . -12.62 -25.09 21.70
O3B NAP D . -13.26 -24.78 22.93
C2B NAP D . -13.62 -25.57 20.65
O2B NAP D . -14.72 -26.28 21.26
C1B NAP D . -14.14 -24.24 20.15
N9A NAP D . -14.81 -24.35 18.86
C8A NAP D . -14.40 -25.06 17.77
N7A NAP D . -15.27 -25.10 16.79
C5A NAP D . -16.33 -24.34 17.27
C6A NAP D . -17.59 -24.04 16.73
N6A NAP D . -18.02 -24.45 15.53
N1A NAP D . -18.43 -23.29 17.49
C2A NAP D . -18.02 -22.88 18.69
N3A NAP D . -16.85 -23.12 19.31
C4A NAP D . -16.06 -23.86 18.54
O3 NAP D . -7.57 -24.20 20.41
PN NAP D . -6.56 -23.12 21.03
O1N NAP D . -5.21 -23.71 21.14
O2N NAP D . -7.18 -22.54 22.24
O5D NAP D . -6.47 -22.04 19.87
C5D NAP D . -7.55 -21.11 19.68
C4D NAP D . -7.20 -20.14 18.58
O4D NAP D . -5.98 -19.43 18.88
C3D NAP D . -6.99 -20.77 17.21
O3D NAP D . -7.67 -20.01 16.21
C2D NAP D . -5.48 -20.66 17.00
O2D NAP D . -5.17 -20.56 15.62
C1D NAP D . -5.18 -19.37 17.74
N1N NAP D . -3.75 -19.19 18.14
C2N NAP D . -3.14 -18.02 17.89
C3N NAP D . -1.81 -17.83 18.23
C7N NAP D . -1.10 -16.52 18.02
O7N NAP D . 0.01 -16.33 18.56
N7N NAP D . -1.69 -15.59 17.28
C4N NAP D . -1.12 -18.89 18.81
C5N NAP D . -1.77 -20.09 19.07
C6N NAP D . -3.09 -20.22 18.73
P2B NAP D . -14.61 -27.73 21.85
O1X NAP D . -14.33 -27.61 23.31
O2X NAP D . -15.97 -28.40 21.54
O3X NAP D . -13.51 -28.43 21.07
HOA2 NAP D . -9.53 -26.97 20.11
H51A NAP D . -10.28 -23.17 19.94
H52A NAP D . -10.75 -24.82 19.58
H4B NAP D . -12.02 -22.97 21.69
H3B NAP D . -11.84 -25.82 21.89
HO3A NAP D . -12.73 -25.23 23.64
H2B NAP D . -13.16 -26.25 19.94
H1B NAP D . -14.84 -23.74 20.82
H8A NAP D . -13.44 -25.57 17.73
H61A NAP D . -18.95 -24.20 15.21
H62A NAP D . -17.42 -25.03 14.95
H2A NAP D . -18.73 -22.28 19.24
H51N NAP D . -7.75 -20.58 20.62
H52N NAP D . -8.47 -21.64 19.45
H4D NAP D . -7.90 -19.30 18.56
H3D NAP D . -7.30 -21.81 17.19
HO3N NAP D . -8.64 -20.09 16.43
H2D NAP D . -4.91 -21.53 17.34
HO2N NAP D . -4.72 -21.38 15.30
H1D NAP D . -5.43 -18.47 17.18
H2N NAP D . -3.70 -17.22 17.42
H71N NAP D . -2.60 -15.77 16.86
H72N NAP D . -1.24 -14.70 17.12
H4N NAP D . -0.07 -18.81 19.08
H5N NAP D . -1.24 -20.91 19.53
H6N NAP D . -3.64 -21.14 18.91
HOP2 NAP D . -16.07 -29.39 21.63
HOP3 NAP D . -13.20 -29.36 21.21
#